data_5VEQ
#
_entry.id   5VEQ
#
_cell.length_a   91.567
_cell.length_b   91.567
_cell.length_c   232.536
_cell.angle_alpha   90.000
_cell.angle_beta   90.000
_cell.angle_gamma   90.000
#
_symmetry.space_group_name_H-M   'P 43 21 2'
#
loop_
_entity.id
_entity.type
_entity.pdbx_description
1 polymer 'Kynurenine--oxoglutarate transaminase 3'
2 non-polymer "4'-DEOXY-4'-AMINOPYRIDOXAL-5'-PHOSPHATE"
3 non-polymer '4-(2-HYDROXYETHYL)-1-PIPERAZINE ETHANESULFONIC ACID'
4 non-polymer 'TRIETHYLENE GLYCOL'
5 non-polymer GLYCEROL
6 non-polymer 'CALCIUM ION'
7 non-polymer 'TETRAETHYLENE GLYCOL'
8 water water
#
_entity_poly.entity_id   1
_entity_poly.type   'polypeptide(L)'
_entity_poly.pdbx_seq_one_letter_code
;ANAKRIEGLDSNVWVEFTKLAADPSVVNLGQGFPDISPPSYVKEELSKAAFIDNMNQYTRGFGHPALVKALSCLYGKIYQ
RQIDPNEEILVAVGAYGSLFNSIQGLVDPGDEVIIMVPFYDCYEPMVRMAGAVPVFIPLRSKPTDGMKWTSSDWTFDPRE
LESKFSSKTKAIILNTPHNPLGKVYTRQELQVIADLCVKHDTLCISDEVYEWLVYTGHTHVKIATLPGMWERTITIGSAG
KTFSVTGWKLGWSIGPAHLIKHLQTVQQNSFYTCATPLQAALAEAFWIDIKRMDDPECYFNSLPKELEVKRDRMVRLLNS
VGLKPIVPDGGYFIIADVSSLGADLSDMNSDEPYDYKFVKWMTKHKKLTAIPVSAFCDSKSKPHFEKLVRFCFIKKDSTL
DAAEEIFRAWN
;
_entity_poly.pdbx_strand_id   A,B
#
loop_
_chem_comp.id
_chem_comp.type
_chem_comp.name
_chem_comp.formula
CA non-polymer 'CALCIUM ION' 'Ca 2'
EPE non-polymer '4-(2-HYDROXYETHYL)-1-PIPERAZINE ETHANESULFONIC ACID' 'C8 H18 N2 O4 S'
GOL non-polymer GLYCEROL 'C3 H8 O3'
PG4 non-polymer 'TETRAETHYLENE GLYCOL' 'C8 H18 O5'
PGE non-polymer 'TRIETHYLENE GLYCOL' 'C6 H14 O4'
PMP non-polymer 4'-DEOXY-4'-AMINOPYRIDOXAL-5'-PHOSPHATE 'C8 H13 N2 O5 P'
#
# COMPACT_ATOMS: atom_id res chain seq x y z
N ALA A 1 18.62 -0.88 -15.11
CA ALA A 1 17.57 0.03 -15.62
C ALA A 1 16.22 -0.28 -14.95
N ASN A 2 15.32 0.71 -14.96
CA ASN A 2 13.92 0.45 -14.66
C ASN A 2 13.32 -0.65 -15.59
N ALA A 3 12.32 -1.38 -15.05
CA ALA A 3 11.43 -2.23 -15.85
C ALA A 3 10.74 -1.35 -16.88
N LYS A 4 10.49 -1.93 -18.05
CA LYS A 4 9.81 -1.21 -19.16
C LYS A 4 8.49 -0.58 -18.79
N ARG A 5 7.68 -1.27 -17.97
CA ARG A 5 6.35 -0.77 -17.58
C ARG A 5 6.42 0.58 -16.87
N ILE A 6 7.58 0.92 -16.28
CA ILE A 6 7.75 2.24 -15.62
C ILE A 6 8.61 3.26 -16.36
N GLU A 7 8.92 3.02 -17.65
CA GLU A 7 9.71 3.97 -18.45
C GLU A 7 8.99 5.30 -18.53
N GLY A 8 9.71 6.38 -18.19
CA GLY A 8 9.20 7.75 -18.20
C GLY A 8 8.16 8.06 -17.14
N LEU A 9 8.01 7.21 -16.11
CA LEU A 9 6.97 7.45 -15.10
C LEU A 9 7.56 7.86 -13.79
N ASP A 10 8.84 8.19 -13.83
CA ASP A 10 9.65 8.49 -12.65
C ASP A 10 9.47 9.93 -12.25
N SER A 11 8.99 10.75 -13.15
CA SER A 11 8.74 12.12 -12.78
C SER A 11 7.38 12.17 -12.09
N ASN A 12 7.31 12.99 -11.05
CA ASN A 12 6.13 13.13 -10.23
C ASN A 12 6.01 14.59 -9.73
N VAL A 13 4.84 15.19 -9.94
CA VAL A 13 4.61 16.63 -9.58
C VAL A 13 4.92 16.89 -8.09
N TRP A 14 4.42 16.02 -7.21
CA TRP A 14 4.56 16.10 -5.75
C TRP A 14 6.01 16.00 -5.24
N VAL A 15 6.76 15.07 -5.83
CA VAL A 15 8.22 15.04 -5.72
C VAL A 15 8.78 16.40 -6.18
N GLU A 16 8.42 16.86 -7.38
CA GLU A 16 8.87 18.19 -7.83
C GLU A 16 8.61 19.34 -6.78
N PHE A 17 7.43 19.37 -6.13
CA PHE A 17 7.13 20.42 -5.10
C PHE A 17 7.81 20.27 -3.73
N THR A 18 9.06 19.76 -3.78
CA THR A 18 10.03 19.60 -2.63
C THR A 18 9.55 18.59 -1.59
N ASP A 23 10.82 25.87 4.20
CA ASP A 23 10.88 27.24 4.72
C ASP A 23 9.69 27.53 5.66
N PRO A 24 9.94 27.57 6.99
CA PRO A 24 8.87 27.69 8.01
C PRO A 24 7.96 28.93 7.90
N SER A 25 8.54 30.08 7.52
CA SER A 25 7.79 31.34 7.38
C SER A 25 6.83 31.43 6.15
N VAL A 26 6.75 30.39 5.31
CA VAL A 26 5.84 30.39 4.15
C VAL A 26 4.45 29.86 4.58
N VAL A 27 3.39 30.55 4.16
CA VAL A 27 2.04 30.00 4.35
C VAL A 27 1.70 29.01 3.18
N ASN A 28 1.46 27.76 3.53
CA ASN A 28 1.29 26.70 2.53
C ASN A 28 -0.20 26.39 2.27
N LEU A 29 -0.68 26.87 1.13
CA LEU A 29 -2.04 26.57 0.66
C LEU A 29 -1.97 25.68 -0.59
N GLY A 30 -0.88 24.92 -0.69
CA GLY A 30 -0.60 24.10 -1.85
C GLY A 30 -1.18 22.70 -1.68
N GLN A 31 -0.36 21.77 -1.17
CA GLN A 31 -0.77 20.36 -0.90
C GLN A 31 -2.07 20.28 -0.07
N GLY A 32 -2.85 19.22 -0.31
CA GLY A 32 -4.10 18.96 0.42
C GLY A 32 -3.81 18.39 1.80
N PHE A 33 -3.07 19.16 2.60
CA PHE A 33 -2.67 18.81 3.95
C PHE A 33 -3.61 19.61 4.87
N PRO A 34 -4.61 18.94 5.48
CA PRO A 34 -5.43 19.50 6.54
C PRO A 34 -4.64 19.85 7.78
N ASP A 35 -4.83 21.06 8.29
CA ASP A 35 -4.27 21.40 9.59
C ASP A 35 -5.37 21.76 10.61
N ILE A 36 -6.63 21.51 10.23
CA ILE A 36 -7.71 21.37 11.23
C ILE A 36 -7.46 20.05 11.99
N SER A 37 -8.00 19.92 13.21
CA SER A 37 -7.96 18.63 13.91
C SER A 37 -8.94 17.66 13.29
N PRO A 38 -8.55 16.39 13.17
CA PRO A 38 -9.61 15.42 12.83
C PRO A 38 -10.54 15.28 14.03
N PRO A 39 -11.74 14.67 13.86
CA PRO A 39 -12.66 14.50 15.00
C PRO A 39 -11.97 13.82 16.19
N SER A 40 -12.34 14.21 17.41
CA SER A 40 -11.68 13.70 18.62
C SER A 40 -11.83 12.19 18.72
N TYR A 41 -13.00 11.66 18.34
CA TYR A 41 -13.26 10.22 18.42
C TYR A 41 -12.42 9.36 17.45
N VAL A 42 -12.00 9.94 16.32
CA VAL A 42 -11.17 9.25 15.35
C VAL A 42 -9.81 8.97 16.02
N LYS A 43 -9.24 10.00 16.64
CA LYS A 43 -8.01 9.85 17.39
C LYS A 43 -8.16 8.94 18.59
N GLU A 44 -9.26 9.05 19.33
CA GLU A 44 -9.53 8.19 20.50
C GLU A 44 -9.53 6.71 20.10
N GLU A 45 -10.24 6.42 19.01
CA GLU A 45 -10.46 5.04 18.55
C GLU A 45 -9.16 4.32 18.13
N LEU A 46 -8.25 5.07 17.50
CA LEU A 46 -6.92 4.55 17.14
C LEU A 46 -6.11 4.23 18.40
N SER A 47 -6.12 5.12 19.41
CA SER A 47 -5.55 4.86 20.74
C SER A 47 -6.12 3.60 21.39
N LYS A 48 -7.46 3.49 21.43
CA LYS A 48 -8.12 2.32 21.98
C LYS A 48 -7.64 1.04 21.26
N ALA A 49 -7.65 1.05 19.93
CA ALA A 49 -7.20 -0.08 19.13
C ALA A 49 -5.74 -0.47 19.37
N ALA A 50 -4.88 0.54 19.52
CA ALA A 50 -3.49 0.31 19.85
C ALA A 50 -3.29 -0.59 21.07
N PHE A 51 -4.16 -0.52 22.08
CA PHE A 51 -3.97 -1.35 23.29
C PHE A 51 -4.58 -2.74 23.25
N ILE A 52 -5.28 -3.07 22.18
CA ILE A 52 -5.78 -4.43 21.99
C ILE A 52 -4.78 -5.20 21.12
N ASP A 53 -4.09 -6.15 21.76
CA ASP A 53 -3.09 -7.01 21.09
C ASP A 53 -3.51 -7.54 19.71
N ASN A 54 -4.72 -8.10 19.63
CA ASN A 54 -5.28 -8.62 18.38
C ASN A 54 -5.39 -7.63 17.25
N MET A 55 -5.67 -6.37 17.60
CA MET A 55 -5.88 -5.32 16.62
C MET A 55 -4.53 -4.85 16.09
N ASN A 56 -3.47 -5.42 16.64
CA ASN A 56 -2.11 -5.16 16.15
C ASN A 56 -1.58 -6.34 15.29
N GLN A 57 -2.40 -7.36 15.06
CA GLN A 57 -2.01 -8.48 14.15
C GLN A 57 -2.79 -8.50 12.83
N TYR A 58 -2.32 -9.30 11.86
CA TYR A 58 -3.01 -9.50 10.59
C TYR A 58 -4.54 -9.58 10.72
N THR A 59 -5.24 -8.86 9.83
CA THR A 59 -6.72 -8.97 9.71
C THR A 59 -7.01 -9.51 8.33
N ARG A 60 -8.29 -9.64 7.97
CA ARG A 60 -8.72 -10.15 6.64
C ARG A 60 -8.08 -9.33 5.49
N GLY A 61 -7.47 -10.03 4.55
CA GLY A 61 -6.82 -9.42 3.40
C GLY A 61 -7.57 -8.32 2.66
N PHE A 62 -8.87 -8.54 2.36
CA PHE A 62 -9.64 -7.63 1.52
C PHE A 62 -10.33 -6.52 2.30
N GLY A 63 -10.13 -6.58 3.62
CA GLY A 63 -10.64 -5.60 4.54
C GLY A 63 -11.08 -6.21 5.85
N HIS A 64 -10.69 -5.52 6.92
CA HIS A 64 -11.09 -5.80 8.28
C HIS A 64 -12.62 -5.96 8.38
N PRO A 65 -13.10 -7.12 8.91
CA PRO A 65 -14.55 -7.43 8.87
C PRO A 65 -15.47 -6.32 9.40
N ALA A 66 -15.11 -5.70 10.53
CA ALA A 66 -15.94 -4.63 11.09
C ALA A 66 -15.94 -3.40 10.16
N LEU A 67 -14.79 -3.08 9.53
CA LEU A 67 -14.74 -1.98 8.58
C LEU A 67 -15.63 -2.20 7.35
N VAL A 68 -15.50 -3.35 6.69
CA VAL A 68 -16.31 -3.59 5.47
C VAL A 68 -17.80 -3.71 5.77
N LYS A 69 -18.14 -4.25 6.94
CA LYS A 69 -19.49 -4.24 7.46
C LYS A 69 -20.04 -2.77 7.65
N ALA A 70 -19.27 -1.92 8.33
CA ALA A 70 -19.61 -0.49 8.42
C ALA A 70 -19.80 0.16 7.01
N LEU A 71 -18.83 -0.05 6.11
CA LEU A 71 -18.92 0.45 4.72
C LEU A 71 -20.15 -0.06 3.97
N SER A 72 -20.50 -1.32 4.20
CA SER A 72 -21.61 -1.85 3.46
C SER A 72 -22.91 -1.22 3.99
N CYS A 73 -22.93 -0.96 5.31
CA CYS A 73 -24.11 -0.35 5.92
C CYS A 73 -24.31 1.08 5.39
N LEU A 74 -23.26 1.89 5.47
CA LEU A 74 -23.28 3.27 5.01
C LEU A 74 -23.59 3.40 3.50
N TYR A 75 -22.89 2.62 2.66
CA TYR A 75 -23.11 2.75 1.21
C TYR A 75 -24.39 2.11 0.70
N GLY A 76 -24.88 1.11 1.44
CA GLY A 76 -26.20 0.53 1.22
C GLY A 76 -27.30 1.57 1.31
N LYS A 77 -27.22 2.44 2.31
CA LYS A 77 -28.15 3.58 2.45
C LYS A 77 -28.07 4.59 1.28
N ILE A 78 -26.83 4.88 0.83
CA ILE A 78 -26.59 5.84 -0.24
C ILE A 78 -27.02 5.27 -1.58
N TYR A 79 -26.68 4.01 -1.85
CA TYR A 79 -27.04 3.38 -3.13
C TYR A 79 -28.48 2.91 -3.14
N GLN A 80 -29.10 2.89 -1.95
CA GLN A 80 -30.40 2.22 -1.69
C GLN A 80 -30.39 0.82 -2.31
N ARG A 81 -29.31 0.09 -2.05
CA ARG A 81 -29.23 -1.32 -2.39
C ARG A 81 -28.34 -1.99 -1.35
N GLN A 82 -28.53 -3.29 -1.15
CA GLN A 82 -27.63 -4.05 -0.30
C GLN A 82 -26.26 -4.12 -0.95
N ILE A 83 -25.24 -3.82 -0.14
CA ILE A 83 -23.86 -3.91 -0.56
C ILE A 83 -23.25 -5.11 0.20
N ASP A 84 -22.64 -6.01 -0.55
CA ASP A 84 -21.97 -7.16 0.00
C ASP A 84 -20.57 -6.78 0.58
N PRO A 85 -20.39 -6.85 1.94
CA PRO A 85 -19.12 -6.42 2.55
C PRO A 85 -17.89 -7.20 2.06
N ASN A 86 -18.08 -8.46 1.64
CA ASN A 86 -16.94 -9.33 1.30
C ASN A 86 -16.67 -9.36 -0.19
N GLU A 87 -17.75 -9.25 -1.00
CA GLU A 87 -17.66 -9.48 -2.45
C GLU A 87 -17.74 -8.19 -3.27
N GLU A 88 -18.31 -7.15 -2.68
CA GLU A 88 -18.57 -5.86 -3.39
C GLU A 88 -17.72 -4.68 -2.87
N ILE A 89 -16.88 -4.97 -1.88
CA ILE A 89 -15.96 -3.98 -1.29
C ILE A 89 -14.56 -4.56 -1.28
N LEU A 90 -13.58 -3.68 -1.51
CA LEU A 90 -12.19 -3.98 -1.30
C LEU A 90 -11.52 -2.76 -0.63
N VAL A 91 -10.94 -3.01 0.54
CA VAL A 91 -10.23 -1.97 1.24
C VAL A 91 -8.79 -1.98 0.73
N ALA A 92 -8.26 -0.81 0.36
CA ALA A 92 -6.91 -0.70 -0.20
C ALA A 92 -6.15 0.45 0.46
N VAL A 93 -4.86 0.55 0.19
CA VAL A 93 -4.01 1.63 0.75
C VAL A 93 -4.38 2.95 0.08
N GLY A 94 -5.36 3.62 0.66
CA GLY A 94 -5.90 4.84 0.11
C GLY A 94 -6.74 4.65 -1.15
N ALA A 95 -7.36 5.76 -1.56
CA ALA A 95 -7.89 5.87 -2.90
C ALA A 95 -6.83 5.64 -4.02
N TYR A 96 -5.57 6.06 -3.81
CA TYR A 96 -4.45 5.71 -4.73
C TYR A 96 -4.45 4.23 -5.00
N GLY A 97 -4.40 3.42 -3.94
CA GLY A 97 -4.33 1.99 -4.06
C GLY A 97 -5.56 1.39 -4.73
N SER A 98 -6.72 2.01 -4.49
CA SER A 98 -7.95 1.58 -5.12
C SER A 98 -7.89 1.80 -6.64
N LEU A 99 -7.48 2.99 -7.05
CA LEU A 99 -7.25 3.33 -8.44
C LEU A 99 -6.27 2.33 -9.06
N PHE A 100 -5.17 2.09 -8.34
CA PHE A 100 -4.17 1.12 -8.80
C PHE A 100 -4.77 -0.30 -9.01
N ASN A 101 -5.46 -0.83 -8.00
CA ASN A 101 -6.18 -2.11 -8.15
C ASN A 101 -7.09 -2.16 -9.38
N SER A 102 -7.85 -1.08 -9.57
CA SER A 102 -8.83 -0.97 -10.65
C SER A 102 -8.15 -1.09 -12.01
N ILE A 103 -7.12 -0.29 -12.22
CA ILE A 103 -6.46 -0.26 -13.51
C ILE A 103 -5.66 -1.52 -13.74
N GLN A 104 -4.92 -1.96 -12.71
CA GLN A 104 -4.13 -3.20 -12.80
C GLN A 104 -4.97 -4.45 -13.01
N GLY A 105 -6.16 -4.52 -12.39
CA GLY A 105 -7.02 -5.70 -12.53
C GLY A 105 -7.85 -5.77 -13.80
N LEU A 106 -8.09 -4.60 -14.44
CA LEU A 106 -9.13 -4.43 -15.46
C LEU A 106 -8.66 -3.91 -16.83
N VAL A 107 -7.44 -3.34 -16.88
CA VAL A 107 -6.98 -2.63 -18.06
C VAL A 107 -5.75 -3.33 -18.64
N ASP A 108 -5.84 -3.62 -19.94
CA ASP A 108 -4.81 -4.32 -20.70
C ASP A 108 -3.99 -3.38 -21.56
N PRO A 109 -2.72 -3.76 -21.83
CA PRO A 109 -1.91 -3.07 -22.84
C PRO A 109 -2.69 -2.86 -24.16
N GLY A 110 -2.63 -1.64 -24.71
CA GLY A 110 -3.30 -1.32 -25.96
C GLY A 110 -4.72 -0.82 -25.78
N ASP A 111 -5.33 -1.07 -24.61
CA ASP A 111 -6.63 -0.50 -24.25
C ASP A 111 -6.56 1.01 -24.20
N GLU A 112 -7.65 1.67 -24.56
CA GLU A 112 -7.81 3.11 -24.33
C GLU A 112 -8.59 3.43 -23.05
N VAL A 113 -8.10 4.43 -22.29
CA VAL A 113 -8.81 4.92 -21.10
C VAL A 113 -9.03 6.41 -21.28
N ILE A 114 -10.28 6.83 -21.19
CA ILE A 114 -10.61 8.24 -21.38
C ILE A 114 -10.40 8.95 -20.05
N ILE A 115 -9.68 10.08 -20.10
CA ILE A 115 -9.42 10.92 -18.95
C ILE A 115 -9.86 12.39 -19.22
N MET A 116 -10.66 12.93 -18.31
CA MET A 116 -11.03 14.37 -18.36
C MET A 116 -9.95 15.31 -17.81
N VAL A 117 -9.66 16.40 -18.53
CA VAL A 117 -8.55 17.31 -18.19
C VAL A 117 -9.18 18.62 -17.65
N PRO A 118 -8.68 19.20 -16.55
CA PRO A 118 -7.55 18.70 -15.74
C PRO A 118 -7.93 17.44 -14.94
N PHE A 119 -6.92 16.63 -14.59
CA PHE A 119 -7.11 15.35 -13.92
C PHE A 119 -6.20 15.23 -12.75
N TYR A 120 -6.67 14.54 -11.70
CA TYR A 120 -5.80 14.17 -10.59
C TYR A 120 -4.57 13.47 -11.20
N ASP A 121 -3.37 13.92 -10.84
CA ASP A 121 -2.19 13.68 -11.72
C ASP A 121 -1.85 12.20 -11.91
N CYS A 122 -2.25 11.37 -10.94
CA CYS A 122 -1.89 9.98 -10.97
C CYS A 122 -2.62 9.18 -12.06
N TYR A 123 -3.73 9.69 -12.61
CA TYR A 123 -4.52 8.94 -13.57
C TYR A 123 -3.71 8.58 -14.80
N GLU A 124 -2.99 9.55 -15.34
CA GLU A 124 -2.17 9.33 -16.54
C GLU A 124 -1.08 8.23 -16.36
N PRO A 125 -0.14 8.39 -15.38
CA PRO A 125 0.88 7.29 -15.24
C PRO A 125 0.30 5.90 -14.91
N MET A 126 -0.82 5.86 -14.18
CA MET A 126 -1.42 4.56 -13.86
C MET A 126 -1.90 3.85 -15.14
N VAL A 127 -2.56 4.59 -16.03
CA VAL A 127 -2.95 4.09 -17.34
C VAL A 127 -1.73 3.63 -18.19
N ARG A 128 -0.65 4.42 -18.16
CA ARG A 128 0.56 4.10 -18.94
C ARG A 128 1.31 2.87 -18.39
N MET A 129 1.37 2.71 -17.07
CA MET A 129 2.07 1.59 -16.48
C MET A 129 1.37 0.29 -16.83
N ALA A 130 0.09 0.40 -17.15
CA ALA A 130 -0.67 -0.79 -17.54
C ALA A 130 -0.54 -1.00 -19.06
N GLY A 131 0.23 -0.16 -19.75
CA GLY A 131 0.47 -0.31 -21.20
C GLY A 131 -0.71 0.17 -22.03
N ALA A 132 -1.62 0.89 -21.38
CA ALA A 132 -2.81 1.45 -22.00
C ALA A 132 -2.61 2.91 -22.53
N VAL A 133 -3.57 3.41 -23.30
CA VAL A 133 -3.40 4.68 -24.04
C VAL A 133 -4.38 5.68 -23.42
N PRO A 134 -3.84 6.68 -22.74
CA PRO A 134 -4.76 7.68 -22.18
C PRO A 134 -5.32 8.52 -23.32
N VAL A 135 -6.63 8.73 -23.34
CA VAL A 135 -7.29 9.57 -24.34
C VAL A 135 -7.90 10.77 -23.59
N PHE A 136 -7.35 11.95 -23.86
CA PHE A 136 -7.64 13.14 -23.08
C PHE A 136 -8.78 13.95 -23.68
N ILE A 137 -9.64 14.51 -22.84
CA ILE A 137 -10.67 15.43 -23.29
C ILE A 137 -10.79 16.60 -22.28
N PRO A 138 -10.70 17.86 -22.75
CA PRO A 138 -10.74 18.91 -21.71
C PRO A 138 -12.15 19.27 -21.27
N LEU A 139 -12.26 19.67 -20.01
CA LEU A 139 -13.33 20.51 -19.53
C LEU A 139 -13.13 21.90 -20.10
N ARG A 140 -14.25 22.50 -20.48
CA ARG A 140 -14.28 23.76 -21.21
C ARG A 140 -15.21 24.66 -20.43
N SER A 141 -14.86 25.93 -20.31
CA SER A 141 -15.78 26.83 -19.60
C SER A 141 -16.86 27.34 -20.54
N LYS A 142 -17.95 27.81 -19.96
CA LYS A 142 -19.03 28.45 -20.68
C LYS A 142 -19.33 29.84 -20.04
N PRO A 143 -20.19 30.66 -20.71
CA PRO A 143 -20.47 31.98 -20.12
C PRO A 143 -21.08 31.84 -18.76
N THR A 144 -20.52 32.64 -17.87
CA THR A 144 -20.91 32.83 -16.49
C THR A 144 -22.30 33.50 -16.39
N ASP A 145 -23.00 33.31 -15.27
CA ASP A 145 -24.21 34.13 -14.94
C ASP A 145 -24.00 35.68 -14.73
N GLY A 146 -22.76 36.16 -14.77
CA GLY A 146 -22.45 37.58 -14.62
C GLY A 146 -21.91 38.00 -13.26
N MET A 147 -22.42 37.39 -12.19
CA MET A 147 -22.12 37.83 -10.83
C MET A 147 -20.89 37.09 -10.27
N LYS A 148 -20.76 35.81 -10.63
CA LYS A 148 -19.78 34.91 -10.00
C LYS A 148 -19.21 33.95 -11.03
N TRP A 149 -17.95 33.58 -10.86
CA TRP A 149 -17.40 32.45 -11.62
C TRP A 149 -17.39 31.15 -10.77
N THR A 150 -18.07 30.09 -11.25
CA THR A 150 -18.15 28.85 -10.50
C THR A 150 -17.67 27.62 -11.29
N SER A 151 -17.43 26.52 -10.58
CA SER A 151 -17.17 25.20 -11.12
C SER A 151 -18.22 24.75 -12.08
N SER A 152 -19.46 25.18 -11.84
CA SER A 152 -20.58 24.82 -12.67
C SER A 152 -20.54 25.49 -14.06
N ASP A 153 -19.68 26.51 -14.21
CA ASP A 153 -19.46 27.15 -15.51
C ASP A 153 -18.44 26.39 -16.35
N TRP A 154 -17.95 25.27 -15.82
CA TRP A 154 -17.10 24.35 -16.57
C TRP A 154 -17.91 23.11 -16.91
N THR A 155 -17.78 22.60 -18.14
CA THR A 155 -18.47 21.38 -18.55
C THR A 155 -17.68 20.71 -19.69
N PHE A 156 -18.21 19.62 -20.25
CA PHE A 156 -17.64 18.99 -21.43
C PHE A 156 -18.67 19.01 -22.58
N ASP A 157 -18.16 18.91 -23.80
CA ASP A 157 -18.97 18.86 -24.99
C ASP A 157 -19.37 17.39 -25.20
N PRO A 158 -20.69 17.08 -25.16
CA PRO A 158 -21.12 15.66 -25.32
C PRO A 158 -20.74 15.03 -26.67
N ARG A 159 -20.65 15.84 -27.71
CA ARG A 159 -20.30 15.32 -29.05
C ARG A 159 -18.79 15.05 -29.14
N GLU A 160 -18.00 15.94 -28.52
CA GLU A 160 -16.57 15.74 -28.34
C GLU A 160 -16.31 14.46 -27.51
N LEU A 161 -17.05 14.30 -26.39
CA LEU A 161 -16.92 13.11 -25.56
C LEU A 161 -17.16 11.80 -26.36
N GLU A 162 -18.31 11.76 -27.04
CA GLU A 162 -18.69 10.67 -27.91
C GLU A 162 -17.57 10.26 -28.86
N SER A 163 -16.97 11.24 -29.55
CA SER A 163 -15.88 10.98 -30.49
C SER A 163 -14.62 10.39 -29.85
N LYS A 164 -14.50 10.37 -28.52
CA LYS A 164 -13.35 9.77 -27.89
C LYS A 164 -13.57 8.29 -27.65
N PHE A 165 -14.84 7.85 -27.70
CA PHE A 165 -15.20 6.46 -27.54
C PHE A 165 -15.00 5.70 -28.86
N SER A 166 -14.34 4.55 -28.80
CA SER A 166 -14.10 3.69 -29.97
C SER A 166 -14.16 2.25 -29.49
N SER A 167 -14.08 1.29 -30.42
CA SER A 167 -14.00 -0.13 -30.05
C SER A 167 -12.79 -0.43 -29.14
N LYS A 168 -11.83 0.50 -29.05
CA LYS A 168 -10.64 0.30 -28.19
C LYS A 168 -10.78 0.81 -26.75
N THR A 169 -11.87 1.52 -26.45
CA THR A 169 -12.10 2.11 -25.11
C THR A 169 -12.42 1.00 -24.10
N LYS A 170 -11.61 0.89 -23.06
CA LYS A 170 -11.92 -0.05 -21.99
C LYS A 170 -12.64 0.66 -20.88
N ALA A 171 -12.26 1.91 -20.61
CA ALA A 171 -12.80 2.61 -19.47
C ALA A 171 -12.72 4.09 -19.62
N ILE A 172 -13.53 4.79 -18.82
CA ILE A 172 -13.39 6.22 -18.58
C ILE A 172 -13.22 6.41 -17.08
N ILE A 173 -12.33 7.34 -16.71
CA ILE A 173 -12.14 7.73 -15.32
C ILE A 173 -12.89 9.04 -15.03
N LEU A 174 -13.85 8.94 -14.10
CA LEU A 174 -14.63 10.09 -13.65
C LEU A 174 -14.13 10.50 -12.25
N ASN A 175 -14.01 11.80 -12.03
CA ASN A 175 -13.65 12.32 -10.70
C ASN A 175 -14.62 13.39 -10.27
N THR A 176 -15.55 13.05 -9.38
CA THR A 176 -16.57 14.01 -8.88
C THR A 176 -16.84 13.80 -7.35
N PRO A 177 -16.79 14.85 -6.52
CA PRO A 177 -16.38 16.20 -6.92
C PRO A 177 -14.92 16.27 -7.40
N HIS A 178 -14.68 17.15 -8.36
CA HIS A 178 -13.50 17.13 -9.14
C HIS A 178 -12.33 17.88 -8.48
N ASN A 179 -11.16 17.28 -8.57
CA ASN A 179 -9.90 17.91 -8.19
C ASN A 179 -9.12 18.10 -9.52
N PRO A 180 -8.72 19.33 -9.92
CA PRO A 180 -8.64 20.54 -9.09
C PRO A 180 -9.78 21.57 -9.20
N LEU A 181 -10.73 21.39 -10.10
CA LEU A 181 -11.79 22.39 -10.33
C LEU A 181 -12.83 22.54 -9.23
N GLY A 182 -13.11 21.51 -8.46
CA GLY A 182 -14.19 21.61 -7.49
C GLY A 182 -15.55 21.37 -8.10
N LYS A 183 -15.58 20.97 -9.38
CA LYS A 183 -16.82 20.67 -10.09
C LYS A 183 -17.56 19.48 -9.49
N VAL A 184 -18.86 19.65 -9.30
CA VAL A 184 -19.77 18.59 -8.88
C VAL A 184 -20.56 18.22 -10.13
N TYR A 185 -20.31 17.04 -10.70
CA TYR A 185 -20.95 16.67 -11.98
C TYR A 185 -22.45 16.54 -11.81
N THR A 186 -23.19 17.06 -12.77
CA THR A 186 -24.67 17.06 -12.70
C THR A 186 -25.18 15.71 -13.17
N ARG A 187 -26.41 15.39 -12.80
CA ARG A 187 -27.09 14.18 -13.26
C ARG A 187 -27.06 14.07 -14.82
N GLN A 188 -27.34 15.18 -15.49
CA GLN A 188 -27.29 15.23 -16.95
C GLN A 188 -25.90 14.92 -17.53
N GLU A 189 -24.85 15.51 -16.97
CA GLU A 189 -23.49 15.14 -17.37
C GLU A 189 -23.22 13.65 -17.15
N LEU A 190 -23.64 13.11 -15.99
CA LEU A 190 -23.39 11.69 -15.70
C LEU A 190 -24.17 10.80 -16.64
N GLN A 191 -25.38 11.28 -17.02
CA GLN A 191 -26.24 10.56 -17.97
C GLN A 191 -25.59 10.41 -19.32
N VAL A 192 -24.92 11.47 -19.80
CA VAL A 192 -24.17 11.43 -21.07
C VAL A 192 -23.08 10.39 -20.96
N ILE A 193 -22.28 10.46 -19.88
CA ILE A 193 -21.23 9.46 -19.63
C ILE A 193 -21.82 8.02 -19.57
N ALA A 194 -22.87 7.81 -18.78
CA ALA A 194 -23.54 6.49 -18.68
C ALA A 194 -24.01 5.94 -20.04
N ASP A 195 -24.68 6.78 -20.84
CA ASP A 195 -25.13 6.44 -22.22
C ASP A 195 -24.04 5.84 -23.07
N LEU A 196 -22.88 6.48 -23.06
CA LEU A 196 -21.73 6.04 -23.84
C LEU A 196 -21.10 4.76 -23.30
N CYS A 197 -21.02 4.62 -21.95
CA CYS A 197 -20.43 3.44 -21.33
C CYS A 197 -21.27 2.23 -21.68
N VAL A 198 -22.60 2.39 -21.57
CA VAL A 198 -23.55 1.34 -21.98
C VAL A 198 -23.49 1.10 -23.52
N LYS A 199 -23.58 2.16 -24.33
CA LYS A 199 -23.48 2.01 -25.80
C LYS A 199 -22.18 1.30 -26.25
N HIS A 200 -21.01 1.63 -25.69
CA HIS A 200 -19.75 0.95 -26.08
C HIS A 200 -19.34 -0.24 -25.21
N ASP A 201 -20.12 -0.51 -24.18
CA ASP A 201 -19.83 -1.60 -23.23
C ASP A 201 -18.43 -1.37 -22.59
N THR A 202 -18.28 -0.22 -21.94
CA THR A 202 -17.02 0.11 -21.27
C THR A 202 -17.25 0.15 -19.78
N LEU A 203 -16.16 0.26 -19.04
CA LEU A 203 -16.18 0.44 -17.60
C LEU A 203 -16.12 1.94 -17.25
N CYS A 204 -16.56 2.26 -16.03
CA CYS A 204 -16.36 3.58 -15.48
C CYS A 204 -15.67 3.39 -14.14
N ILE A 205 -14.54 4.06 -13.95
CA ILE A 205 -13.87 4.11 -12.65
C ILE A 205 -14.15 5.49 -12.10
N SER A 206 -14.86 5.56 -10.98
CA SER A 206 -15.37 6.83 -10.45
C SER A 206 -14.74 7.16 -9.09
N ASP A 207 -13.83 8.15 -9.12
CA ASP A 207 -13.07 8.62 -7.96
C ASP A 207 -13.94 9.63 -7.20
N GLU A 208 -14.55 9.16 -6.11
CA GLU A 208 -15.52 9.97 -5.36
C GLU A 208 -15.05 10.26 -3.92
N VAL A 209 -13.74 10.44 -3.76
CA VAL A 209 -13.17 10.69 -2.41
C VAL A 209 -13.77 11.90 -1.70
N TYR A 210 -14.12 12.94 -2.48
CA TYR A 210 -14.68 14.18 -1.92
C TYR A 210 -16.21 14.19 -1.85
N GLU A 211 -16.82 13.00 -1.93
CA GLU A 211 -18.30 12.84 -2.01
C GLU A 211 -19.11 13.59 -0.95
N TRP A 212 -18.57 13.74 0.25
CA TRP A 212 -19.27 14.47 1.32
C TRP A 212 -19.09 16.00 1.25
N LEU A 213 -18.08 16.43 0.50
CA LEU A 213 -17.76 17.85 0.47
C LEU A 213 -18.46 18.51 -0.71
N VAL A 214 -19.78 18.62 -0.59
CA VAL A 214 -20.53 19.38 -1.57
C VAL A 214 -21.31 20.53 -0.93
N TYR A 215 -21.30 21.68 -1.60
CA TYR A 215 -21.83 22.89 -1.01
C TYR A 215 -23.27 23.17 -1.45
N THR A 216 -23.88 24.15 -0.78
CA THR A 216 -25.25 24.63 -1.07
C THR A 216 -25.50 24.78 -2.56
N GLY A 217 -26.63 24.26 -3.02
CA GLY A 217 -27.04 24.41 -4.40
C GLY A 217 -26.64 23.20 -5.21
N HIS A 218 -25.91 22.27 -4.60
CA HIS A 218 -25.41 21.10 -5.34
C HIS A 218 -25.61 19.83 -4.56
N THR A 219 -25.67 18.72 -5.29
CA THR A 219 -25.79 17.42 -4.63
C THR A 219 -24.90 16.38 -5.28
N HIS A 220 -24.19 15.59 -4.47
CA HIS A 220 -23.40 14.48 -4.97
C HIS A 220 -24.27 13.35 -5.57
N VAL A 221 -24.15 13.10 -6.88
CA VAL A 221 -24.84 11.98 -7.54
C VAL A 221 -23.78 10.95 -7.92
N LYS A 222 -24.06 9.68 -7.58
CA LYS A 222 -23.19 8.52 -7.90
C LYS A 222 -23.61 7.93 -9.23
N ILE A 223 -22.72 8.05 -10.21
CA ILE A 223 -22.99 7.48 -11.52
C ILE A 223 -23.38 5.98 -11.48
N ALA A 224 -22.80 5.21 -10.55
CA ALA A 224 -23.08 3.78 -10.45
C ALA A 224 -24.54 3.49 -10.06
N THR A 225 -25.27 4.49 -9.56
CA THR A 225 -26.70 4.32 -9.30
C THR A 225 -27.60 4.58 -10.53
N LEU A 226 -27.06 5.10 -11.63
CA LEU A 226 -27.87 5.34 -12.85
C LEU A 226 -28.15 4.04 -13.60
N PRO A 227 -29.25 3.97 -14.42
CA PRO A 227 -29.61 2.70 -15.15
C PRO A 227 -28.44 2.05 -15.94
N GLY A 228 -28.24 0.74 -15.83
CA GLY A 228 -27.17 0.05 -16.54
C GLY A 228 -25.74 0.25 -15.99
N MET A 229 -25.56 1.10 -14.99
CA MET A 229 -24.19 1.45 -14.54
C MET A 229 -23.59 0.60 -13.41
N TRP A 230 -24.44 0.02 -12.56
CA TRP A 230 -23.96 -0.75 -11.40
C TRP A 230 -22.97 -1.85 -11.86
N GLU A 231 -23.33 -2.51 -12.94
CA GLU A 231 -22.60 -3.68 -13.40
C GLU A 231 -21.28 -3.29 -14.07
N ARG A 232 -21.05 -1.98 -14.24
CA ARG A 232 -19.91 -1.52 -15.03
C ARG A 232 -19.03 -0.47 -14.35
N THR A 233 -19.29 -0.16 -13.10
CA THR A 233 -18.60 0.94 -12.44
C THR A 233 -17.87 0.49 -11.19
N ILE A 234 -16.68 1.03 -10.97
CA ILE A 234 -15.97 0.92 -9.69
C ILE A 234 -15.99 2.32 -9.08
N THR A 235 -16.49 2.43 -7.86
CA THR A 235 -16.59 3.71 -7.17
C THR A 235 -15.74 3.70 -5.94
N ILE A 236 -14.92 4.74 -5.83
CA ILE A 236 -13.84 4.81 -4.89
C ILE A 236 -14.04 5.92 -3.87
N GLY A 237 -13.76 5.60 -2.61
CA GLY A 237 -13.83 6.52 -1.50
C GLY A 237 -12.56 6.41 -0.66
N SER A 238 -12.42 7.31 0.30
CA SER A 238 -11.20 7.44 1.08
C SER A 238 -11.45 7.94 2.52
N ALA A 239 -10.78 7.28 3.48
CA ALA A 239 -10.81 7.67 4.89
C ALA A 239 -10.17 9.04 5.10
N GLY A 240 -9.05 9.29 4.41
CA GLY A 240 -8.36 10.58 4.48
C GLY A 240 -9.29 11.78 4.28
N LYS A 241 -10.25 11.60 3.38
CA LYS A 241 -11.21 12.64 3.06
C LYS A 241 -12.39 12.60 3.99
N THR A 242 -12.93 11.39 4.19
CA THR A 242 -14.12 11.23 4.99
C THR A 242 -13.86 11.78 6.39
N PHE A 243 -12.69 11.45 6.97
CA PHE A 243 -12.44 11.77 8.36
C PHE A 243 -11.31 12.73 8.63
N SER A 244 -10.81 13.37 7.56
CA SER A 244 -9.74 14.35 7.68
C SER A 244 -8.47 13.74 8.32
N VAL A 245 -8.20 12.48 7.97
CA VAL A 245 -6.97 11.79 8.41
C VAL A 245 -6.19 11.28 7.19
N THR A 246 -5.60 12.23 6.45
CA THR A 246 -4.90 11.88 5.20
C THR A 246 -3.79 10.85 5.43
N GLY A 247 -3.25 10.83 6.66
CA GLY A 247 -2.15 9.96 7.04
C GLY A 247 -2.54 8.52 7.32
N TRP A 248 -3.84 8.21 7.32
CA TRP A 248 -4.28 6.82 7.57
C TRP A 248 -4.17 5.91 6.34
N LYS A 249 -4.25 6.52 5.16
CA LYS A 249 -4.10 5.84 3.86
C LYS A 249 -4.97 4.60 3.73
N LEU A 250 -6.28 4.81 3.82
CA LEU A 250 -7.26 3.74 3.62
C LEU A 250 -8.35 4.23 2.68
N GLY A 251 -8.61 3.47 1.63
CA GLY A 251 -9.68 3.76 0.73
C GLY A 251 -10.34 2.45 0.36
N TRP A 252 -11.40 2.56 -0.42
CA TRP A 252 -12.19 1.41 -0.76
C TRP A 252 -12.70 1.61 -2.17
N SER A 253 -12.85 0.46 -2.83
CA SER A 253 -13.55 0.30 -4.08
C SER A 253 -14.85 -0.47 -3.84
N ILE A 254 -15.94 0.09 -4.36
CA ILE A 254 -17.26 -0.52 -4.28
C ILE A 254 -17.79 -0.74 -5.70
N GLY A 255 -18.22 -1.96 -5.99
CA GLY A 255 -18.87 -2.26 -7.27
C GLY A 255 -19.34 -3.71 -7.36
N PRO A 256 -19.65 -4.19 -8.58
CA PRO A 256 -20.19 -5.56 -8.69
C PRO A 256 -19.14 -6.63 -8.42
N ALA A 257 -19.60 -7.80 -7.96
CA ALA A 257 -18.68 -8.86 -7.54
C ALA A 257 -17.75 -9.31 -8.67
N HIS A 258 -18.24 -9.36 -9.91
CA HIS A 258 -17.44 -9.82 -11.04
C HIS A 258 -16.27 -8.85 -11.41
N LEU A 259 -16.35 -7.61 -10.94
CA LEU A 259 -15.27 -6.67 -11.15
C LEU A 259 -14.37 -6.55 -9.92
N ILE A 260 -14.98 -6.46 -8.73
CA ILE A 260 -14.21 -6.36 -7.49
C ILE A 260 -13.26 -7.56 -7.33
N LYS A 261 -13.65 -8.75 -7.81
CA LYS A 261 -12.76 -9.92 -7.69
C LYS A 261 -11.43 -9.72 -8.39
N HIS A 262 -11.45 -8.99 -9.51
CA HIS A 262 -10.23 -8.74 -10.23
C HIS A 262 -9.35 -7.78 -9.42
N LEU A 263 -9.96 -6.78 -8.79
CA LEU A 263 -9.25 -5.87 -7.91
C LEU A 263 -8.65 -6.60 -6.73
N GLN A 264 -9.42 -7.55 -6.20
CA GLN A 264 -8.99 -8.37 -5.08
C GLN A 264 -7.79 -9.24 -5.47
N THR A 265 -7.78 -9.72 -6.72
CA THR A 265 -6.64 -10.50 -7.24
C THR A 265 -5.35 -9.68 -7.33
N VAL A 266 -5.43 -8.42 -7.73
CA VAL A 266 -4.27 -7.52 -7.70
C VAL A 266 -3.76 -7.31 -6.26
N GLN A 267 -4.68 -7.02 -5.36
CA GLN A 267 -4.31 -6.78 -4.00
C GLN A 267 -3.62 -7.97 -3.34
N GLN A 268 -4.19 -9.17 -3.50
CA GLN A 268 -3.57 -10.38 -2.92
C GLN A 268 -2.15 -10.63 -3.44
N ASN A 269 -1.83 -10.14 -4.64
CA ASN A 269 -0.53 -10.33 -5.24
C ASN A 269 0.36 -9.08 -5.16
N SER A 270 -0.08 -8.05 -4.43
CA SER A 270 0.71 -6.83 -4.27
C SER A 270 1.09 -6.55 -2.80
N PHE A 271 0.21 -5.93 -2.03
CA PHE A 271 0.56 -5.60 -0.63
C PHE A 271 -0.22 -6.49 0.33
N TYR A 272 -1.21 -7.19 -0.21
CA TYR A 272 -2.14 -8.09 0.52
C TYR A 272 -3.13 -7.44 1.49
N THR A 273 -2.68 -6.94 2.64
CA THR A 273 -3.60 -6.58 3.71
C THR A 273 -3.27 -5.16 4.11
N CYS A 274 -4.27 -4.42 4.60
CA CYS A 274 -4.02 -3.10 5.14
C CYS A 274 -3.94 -3.22 6.65
N ALA A 275 -3.43 -2.18 7.28
CA ALA A 275 -3.19 -2.17 8.69
C ALA A 275 -4.47 -2.42 9.53
N THR A 276 -4.32 -3.29 10.51
CA THR A 276 -5.42 -3.63 11.41
C THR A 276 -5.86 -2.48 12.33
N PRO A 277 -4.93 -1.83 13.08
CA PRO A 277 -5.42 -0.84 14.06
C PRO A 277 -6.15 0.34 13.42
N LEU A 278 -5.68 0.78 12.24
CA LEU A 278 -6.35 1.86 11.49
C LEU A 278 -7.72 1.40 11.04
N GLN A 279 -7.81 0.18 10.51
CA GLN A 279 -9.10 -0.32 10.03
C GLN A 279 -10.13 -0.49 11.16
N ALA A 280 -9.64 -0.95 12.32
CA ALA A 280 -10.48 -1.15 13.51
C ALA A 280 -11.01 0.19 14.01
N ALA A 281 -10.12 1.17 14.13
CA ALA A 281 -10.50 2.49 14.58
C ALA A 281 -11.47 3.15 13.61
N LEU A 282 -11.22 2.95 12.31
CA LEU A 282 -12.03 3.56 11.28
C LEU A 282 -13.47 3.01 11.31
N ALA A 283 -13.60 1.71 11.50
CA ALA A 283 -14.91 1.06 11.62
C ALA A 283 -15.73 1.77 12.71
N GLU A 284 -15.11 1.99 13.86
CA GLU A 284 -15.80 2.62 15.00
C GLU A 284 -16.24 4.03 14.70
N ALA A 285 -15.33 4.81 14.09
CA ALA A 285 -15.61 6.17 13.63
C ALA A 285 -16.82 6.21 12.70
N PHE A 286 -16.86 5.31 11.72
CA PHE A 286 -17.99 5.13 10.83
C PHE A 286 -19.31 4.87 11.58
N TRP A 287 -19.29 3.91 12.53
CA TRP A 287 -20.50 3.62 13.33
C TRP A 287 -20.97 4.86 14.06
N ILE A 288 -20.04 5.60 14.66
CA ILE A 288 -20.42 6.77 15.42
C ILE A 288 -21.18 7.77 14.52
N ASP A 289 -20.69 7.96 13.28
CA ASP A 289 -21.32 8.90 12.37
C ASP A 289 -22.47 8.33 11.55
N ILE A 290 -22.40 7.04 11.17
CA ILE A 290 -23.56 6.36 10.58
C ILE A 290 -24.83 6.51 11.44
N LYS A 291 -24.68 6.36 12.76
CA LYS A 291 -25.85 6.36 13.66
C LYS A 291 -26.48 7.74 13.84
N ARG A 292 -25.86 8.81 13.32
CA ARG A 292 -26.42 10.16 13.44
C ARG A 292 -26.44 10.89 12.09
N MET A 293 -26.66 10.14 11.01
CA MET A 293 -26.59 10.72 9.68
C MET A 293 -27.56 11.86 9.40
N ASP A 294 -28.72 11.83 10.07
CA ASP A 294 -29.72 12.91 9.91
C ASP A 294 -29.46 14.14 10.77
N ASP A 295 -28.42 14.13 11.60
CA ASP A 295 -28.17 15.22 12.54
C ASP A 295 -27.06 16.22 12.10
N PRO A 296 -27.19 17.53 12.45
CA PRO A 296 -26.12 18.47 12.07
C PRO A 296 -24.74 18.04 12.56
N GLU A 297 -24.69 17.31 13.67
CA GLU A 297 -23.40 17.03 14.31
C GLU A 297 -22.65 15.79 13.74
N CYS A 298 -23.32 15.06 12.85
CA CYS A 298 -22.68 14.07 12.00
C CYS A 298 -21.53 14.72 11.26
N TYR A 299 -20.35 14.09 11.32
CA TYR A 299 -19.19 14.64 10.61
C TYR A 299 -19.42 14.81 9.09
N PHE A 300 -20.25 13.94 8.50
CA PHE A 300 -20.58 14.02 7.08
C PHE A 300 -21.31 15.30 6.74
N ASN A 301 -22.05 15.86 7.72
CA ASN A 301 -22.73 17.17 7.60
C ASN A 301 -21.90 18.33 8.11
N SER A 302 -21.27 18.19 9.27
CA SER A 302 -20.59 19.34 9.86
C SER A 302 -19.36 19.76 9.06
N LEU A 303 -18.59 18.82 8.52
CA LEU A 303 -17.39 19.21 7.76
C LEU A 303 -17.71 20.07 6.51
N PRO A 304 -18.61 19.62 5.60
CA PRO A 304 -18.84 20.56 4.48
C PRO A 304 -19.43 21.91 4.95
N LYS A 305 -20.25 21.92 6.01
CA LYS A 305 -20.79 23.15 6.59
C LYS A 305 -19.65 24.10 7.02
N GLU A 306 -18.67 23.55 7.75
CA GLU A 306 -17.50 24.29 8.19
C GLU A 306 -16.66 24.74 6.97
N LEU A 307 -16.52 23.89 5.97
CA LEU A 307 -15.68 24.24 4.83
C LEU A 307 -16.29 25.29 3.92
N GLU A 308 -17.62 25.29 3.79
CA GLU A 308 -18.30 26.29 2.97
C GLU A 308 -17.98 27.72 3.41
N VAL A 309 -17.93 27.93 4.72
CA VAL A 309 -17.55 29.23 5.30
C VAL A 309 -16.12 29.60 4.90
N LYS A 310 -15.21 28.64 5.00
CA LYS A 310 -13.81 28.82 4.64
C LYS A 310 -13.62 29.07 3.15
N ARG A 311 -14.40 28.36 2.33
CA ARG A 311 -14.37 28.57 0.91
C ARG A 311 -14.70 30.02 0.61
N ASP A 312 -15.81 30.50 1.15
CA ASP A 312 -16.26 31.88 0.89
C ASP A 312 -15.24 32.93 1.30
N ARG A 313 -14.57 32.71 2.44
CA ARG A 313 -13.49 33.57 2.91
C ARG A 313 -12.36 33.65 1.89
N MET A 314 -11.94 32.47 1.40
CA MET A 314 -10.93 32.35 0.36
C MET A 314 -11.27 33.06 -0.94
N VAL A 315 -12.48 32.83 -1.46
CA VAL A 315 -12.99 33.63 -2.58
C VAL A 315 -12.78 35.14 -2.32
N ARG A 316 -13.09 35.64 -1.11
CA ARG A 316 -12.97 37.08 -0.86
C ARG A 316 -11.52 37.50 -0.84
N LEU A 317 -10.67 36.67 -0.22
CA LEU A 317 -9.26 36.95 -0.14
C LEU A 317 -8.60 37.04 -1.54
N LEU A 318 -8.94 36.10 -2.42
CA LEU A 318 -8.35 36.04 -3.76
C LEU A 318 -8.78 37.24 -4.60
N ASN A 319 -10.06 37.58 -4.48
CA ASN A 319 -10.62 38.77 -5.12
C ASN A 319 -9.89 40.09 -4.74
N SER A 320 -9.55 40.24 -3.47
CA SER A 320 -8.96 41.47 -2.96
C SER A 320 -7.60 41.86 -3.62
N VAL A 321 -6.93 40.85 -4.20
CA VAL A 321 -5.63 41.01 -4.82
C VAL A 321 -5.78 40.98 -6.38
N GLY A 322 -7.01 40.80 -6.86
CA GLY A 322 -7.26 40.71 -8.30
C GLY A 322 -7.10 39.31 -8.92
N LEU A 323 -6.97 38.28 -8.07
CA LEU A 323 -7.02 36.90 -8.57
C LEU A 323 -8.51 36.61 -8.91
N LYS A 324 -8.78 35.87 -9.96
CA LYS A 324 -10.16 35.65 -10.35
C LYS A 324 -10.48 34.18 -9.92
N PRO A 325 -11.15 34.02 -8.76
CA PRO A 325 -11.43 32.68 -8.22
C PRO A 325 -12.51 31.96 -8.98
N ILE A 326 -12.37 30.64 -9.15
CA ILE A 326 -13.51 29.81 -9.57
C ILE A 326 -14.16 29.19 -8.35
N VAL A 327 -15.35 29.68 -7.95
CA VAL A 327 -15.98 29.21 -6.71
C VAL A 327 -16.33 27.72 -6.89
N PRO A 328 -15.76 26.83 -6.06
CA PRO A 328 -15.98 25.39 -6.29
C PRO A 328 -17.36 24.92 -5.72
N ASP A 329 -18.06 24.03 -6.45
CA ASP A 329 -19.31 23.42 -5.96
C ASP A 329 -19.04 22.45 -4.80
N GLY A 330 -17.80 21.96 -4.73
CA GLY A 330 -17.43 20.87 -3.88
C GLY A 330 -15.93 20.77 -3.71
N GLY A 331 -15.51 19.89 -2.80
CA GLY A 331 -14.10 19.73 -2.47
C GLY A 331 -13.49 20.86 -1.65
N TYR A 332 -12.19 20.78 -1.43
CA TYR A 332 -11.55 21.83 -0.61
C TYR A 332 -10.41 22.55 -1.34
N PHE A 333 -10.51 22.60 -2.66
CA PHE A 333 -9.58 23.38 -3.46
C PHE A 333 -10.30 24.50 -4.21
N ILE A 334 -9.58 25.60 -4.44
CA ILE A 334 -10.08 26.65 -5.28
C ILE A 334 -9.02 27.10 -6.28
N ILE A 335 -9.42 27.22 -7.55
CA ILE A 335 -8.54 27.71 -8.62
C ILE A 335 -8.76 29.20 -8.82
N ALA A 336 -7.69 29.95 -8.98
CA ALA A 336 -7.77 31.34 -9.42
C ALA A 336 -7.00 31.56 -10.72
N ASP A 337 -7.58 32.36 -11.61
CA ASP A 337 -6.84 32.84 -12.77
C ASP A 337 -5.93 33.96 -12.30
N VAL A 338 -4.64 33.83 -12.57
CA VAL A 338 -3.67 34.81 -12.10
C VAL A 338 -3.25 35.85 -13.17
N SER A 339 -3.82 35.76 -14.37
CA SER A 339 -3.24 36.52 -15.47
C SER A 339 -3.47 38.07 -15.39
N SER A 340 -4.58 38.50 -14.79
CA SER A 340 -4.80 39.94 -14.59
C SER A 340 -3.80 40.61 -13.61
N LEU A 341 -2.95 39.84 -12.94
CA LEU A 341 -1.86 40.46 -12.17
C LEU A 341 -0.68 40.90 -13.03
N GLY A 342 -0.56 40.33 -14.24
CA GLY A 342 0.62 40.53 -15.13
C GLY A 342 1.96 40.56 -14.40
N ALA A 343 2.25 39.54 -13.59
CA ALA A 343 3.38 39.55 -12.64
C ALA A 343 4.80 39.64 -13.25
N ASP A 344 5.74 40.05 -12.39
CA ASP A 344 7.16 40.29 -12.66
C ASP A 344 8.02 39.00 -12.85
N LEU A 345 7.67 38.18 -13.84
CA LEU A 345 8.32 36.85 -14.08
C LEU A 345 9.33 36.91 -15.22
N SER A 346 9.47 38.11 -15.77
CA SER A 346 10.36 38.46 -16.90
C SER A 346 11.63 37.58 -17.00
N ASP A 347 12.32 37.40 -15.87
CA ASP A 347 13.55 36.62 -15.82
C ASP A 347 13.55 35.46 -14.78
N MET A 348 12.68 34.47 -15.05
CA MET A 348 12.84 33.07 -14.64
C MET A 348 12.84 32.35 -15.99
N ASN A 349 14.02 31.99 -16.49
CA ASN A 349 14.14 31.73 -17.92
C ASN A 349 13.95 30.29 -18.40
N SER A 350 13.37 29.44 -17.55
CA SER A 350 13.09 28.06 -17.95
C SER A 350 11.92 27.95 -18.97
N ASP A 351 11.68 26.74 -19.46
CA ASP A 351 10.56 26.41 -20.38
C ASP A 351 9.35 25.81 -19.58
N GLU A 352 9.33 26.10 -18.28
CA GLU A 352 8.19 25.75 -17.42
C GLU A 352 6.91 26.54 -17.76
N PRO A 353 5.72 25.94 -17.52
CA PRO A 353 4.50 26.68 -17.78
C PRO A 353 4.41 27.91 -16.87
N TYR A 354 3.70 28.93 -17.36
CA TYR A 354 3.47 30.19 -16.64
C TYR A 354 3.11 29.97 -15.17
N ASP A 355 2.10 29.13 -14.91
CA ASP A 355 1.65 28.89 -13.53
C ASP A 355 2.74 28.38 -12.57
N TYR A 356 3.64 27.51 -13.03
CA TYR A 356 4.76 27.10 -12.17
C TYR A 356 5.68 28.30 -11.84
N LYS A 357 5.97 29.14 -12.83
CA LYS A 357 6.72 30.40 -12.60
C LYS A 357 5.98 31.29 -11.63
N PHE A 358 4.69 31.51 -11.87
CA PHE A 358 3.91 32.32 -10.96
C PHE A 358 4.02 31.82 -9.51
N VAL A 359 3.87 30.52 -9.31
CA VAL A 359 3.91 29.96 -7.97
C VAL A 359 5.28 30.15 -7.30
N LYS A 360 6.37 29.91 -8.04
CA LYS A 360 7.71 30.15 -7.53
C LYS A 360 7.90 31.62 -7.10
N TRP A 361 7.45 32.54 -7.94
CA TRP A 361 7.39 33.97 -7.65
C TRP A 361 6.58 34.33 -6.42
N MET A 362 5.38 33.75 -6.31
CA MET A 362 4.52 34.04 -5.17
C MET A 362 5.13 33.54 -3.87
N THR A 363 5.74 32.35 -3.92
CA THR A 363 6.42 31.76 -2.76
C THR A 363 7.58 32.66 -2.28
N LYS A 364 8.48 33.05 -3.20
CA LYS A 364 9.62 33.92 -2.88
C LYS A 364 9.19 35.33 -2.41
N HIS A 365 8.37 36.00 -3.20
CA HIS A 365 8.03 37.38 -2.94
C HIS A 365 6.92 37.62 -1.92
N LYS A 366 5.88 36.78 -1.88
CA LYS A 366 4.71 36.98 -1.03
C LYS A 366 4.61 36.00 0.14
N LYS A 367 5.50 35.00 0.16
CA LYS A 367 5.52 34.01 1.25
C LYS A 367 4.27 33.07 1.30
N LEU A 368 3.71 32.79 0.14
CA LEU A 368 2.51 31.97 -0.01
C LEU A 368 2.67 31.00 -1.18
N THR A 369 2.52 29.71 -0.91
CA THR A 369 2.60 28.68 -1.96
C THR A 369 1.21 28.20 -2.33
N ALA A 370 1.08 27.82 -3.60
CA ALA A 370 -0.07 27.15 -4.14
C ALA A 370 0.36 26.11 -5.19
N ILE A 371 -0.59 25.47 -5.87
CA ILE A 371 -0.25 24.44 -6.84
C ILE A 371 -0.64 24.89 -8.23
N PRO A 372 0.30 24.84 -9.19
CA PRO A 372 -0.01 25.14 -10.60
C PRO A 372 -0.98 24.11 -11.23
N VAL A 373 -2.07 24.56 -11.84
CA VAL A 373 -3.07 23.66 -12.45
C VAL A 373 -2.47 22.85 -13.64
N SER A 374 -1.46 23.40 -14.30
CA SER A 374 -0.84 22.66 -15.38
C SER A 374 -0.23 21.34 -14.86
N ALA A 375 0.00 21.20 -13.54
CA ALA A 375 0.43 19.90 -12.95
C ALA A 375 -0.63 18.80 -13.18
N PHE A 376 -1.86 19.20 -13.50
CA PHE A 376 -2.98 18.29 -13.68
C PHE A 376 -3.41 18.17 -15.15
N CYS A 377 -2.50 18.54 -16.05
CA CYS A 377 -2.74 18.57 -17.48
C CYS A 377 -1.68 17.77 -18.23
N ASP A 378 -2.11 17.07 -19.29
CA ASP A 378 -1.20 16.46 -20.29
C ASP A 378 -0.53 17.54 -21.13
N SER A 379 0.62 17.21 -21.74
CA SER A 379 1.39 18.16 -22.57
C SER A 379 0.56 19.04 -23.45
N LYS A 380 -0.33 18.47 -24.24
CA LYS A 380 -1.05 19.29 -25.21
C LYS A 380 -2.05 20.25 -24.55
N SER A 381 -2.52 19.92 -23.34
CA SER A 381 -3.51 20.75 -22.66
C SER A 381 -2.85 21.87 -21.86
N LYS A 382 -1.61 21.68 -21.39
CA LYS A 382 -0.96 22.71 -20.51
C LYS A 382 -1.18 24.21 -20.93
N PRO A 383 -0.96 24.58 -22.22
CA PRO A 383 -1.15 26.01 -22.54
C PRO A 383 -2.59 26.51 -22.33
N HIS A 384 -3.56 25.60 -22.29
CA HIS A 384 -4.95 25.98 -22.11
C HIS A 384 -5.34 26.19 -20.65
N PHE A 385 -4.45 25.81 -19.72
CA PHE A 385 -4.73 25.92 -18.30
C PHE A 385 -3.62 26.59 -17.50
N GLU A 386 -2.57 27.07 -18.17
CA GLU A 386 -1.37 27.49 -17.45
C GLU A 386 -1.44 28.84 -16.72
N LYS A 387 -2.55 29.57 -16.83
CA LYS A 387 -2.72 30.82 -16.07
C LYS A 387 -3.49 30.60 -14.73
N LEU A 388 -3.68 29.32 -14.40
CA LEU A 388 -4.55 28.90 -13.30
C LEU A 388 -3.75 28.31 -12.15
N VAL A 389 -4.07 28.74 -10.92
CA VAL A 389 -3.37 28.28 -9.73
C VAL A 389 -4.41 27.74 -8.71
N ARG A 390 -4.06 26.61 -8.07
CA ARG A 390 -4.97 25.93 -7.13
C ARG A 390 -4.57 26.21 -5.66
N PHE A 391 -5.55 26.65 -4.86
CA PHE A 391 -5.36 26.95 -3.44
C PHE A 391 -6.18 25.99 -2.56
N CYS A 392 -5.63 25.59 -1.42
CA CYS A 392 -6.29 24.62 -0.55
C CYS A 392 -6.84 25.35 0.66
N PHE A 393 -8.10 25.04 1.04
CA PHE A 393 -8.71 25.68 2.17
C PHE A 393 -9.20 24.75 3.29
N ILE A 394 -8.77 23.48 3.31
CA ILE A 394 -9.02 22.68 4.51
C ILE A 394 -7.99 23.09 5.60
N LYS A 395 -8.19 24.28 6.14
CA LYS A 395 -7.18 24.90 7.00
C LYS A 395 -7.83 25.51 8.20
N LYS A 396 -7.09 25.55 9.31
CA LYS A 396 -7.62 26.17 10.52
C LYS A 396 -7.69 27.69 10.34
N ASP A 397 -8.54 28.33 11.14
CA ASP A 397 -8.73 29.80 11.03
C ASP A 397 -7.41 30.59 11.08
N SER A 398 -6.52 30.22 11.98
CA SER A 398 -5.22 30.89 12.13
C SER A 398 -4.35 30.82 10.88
N THR A 399 -4.46 29.72 10.12
CA THR A 399 -3.72 29.59 8.88
C THR A 399 -4.31 30.56 7.86
N LEU A 400 -5.64 30.60 7.76
CA LEU A 400 -6.24 31.54 6.82
C LEU A 400 -6.07 33.03 7.26
N ASP A 401 -5.91 33.27 8.56
CA ASP A 401 -5.51 34.61 9.07
C ASP A 401 -4.15 35.03 8.51
N ALA A 402 -3.17 34.11 8.60
CA ALA A 402 -1.83 34.34 8.08
C ALA A 402 -1.86 34.67 6.58
N ALA A 403 -2.68 33.92 5.85
CA ALA A 403 -2.91 34.13 4.44
C ALA A 403 -3.48 35.52 4.19
N GLU A 404 -4.45 35.90 5.05
CA GLU A 404 -5.13 37.19 4.92
C GLU A 404 -4.16 38.37 5.15
N GLU A 405 -3.29 38.23 6.15
CA GLU A 405 -2.19 39.16 6.34
C GLU A 405 -1.36 39.40 5.07
N ILE A 406 -1.03 38.34 4.32
CA ILE A 406 -0.29 38.46 3.08
C ILE A 406 -1.10 39.17 1.99
N PHE A 407 -2.38 38.84 1.89
CA PHE A 407 -3.22 39.45 0.84
C PHE A 407 -3.45 40.95 1.09
N ARG A 408 -3.54 41.35 2.36
CA ARG A 408 -3.72 42.76 2.75
C ARG A 408 -2.49 43.60 2.49
N ALA A 409 -1.31 43.02 2.73
CA ALA A 409 -0.01 43.65 2.50
C ALA A 409 0.51 43.49 1.07
N TRP A 410 -0.31 42.96 0.16
CA TRP A 410 0.15 42.60 -1.18
C TRP A 410 0.65 43.81 -2.02
N ASN A 411 -0.04 44.96 -1.91
CA ASN A 411 0.42 46.25 -2.50
C ASN A 411 0.37 47.41 -1.51
N ALA B 1 -14.12 -9.49 -15.84
CA ALA B 1 -13.05 -9.92 -16.79
C ALA B 1 -11.70 -9.34 -16.38
N ASN B 2 -10.81 -10.21 -15.93
CA ASN B 2 -9.47 -9.79 -15.53
C ASN B 2 -8.60 -9.28 -16.69
N ALA B 3 -7.69 -8.37 -16.36
CA ALA B 3 -6.55 -8.08 -17.21
C ALA B 3 -5.74 -9.37 -17.36
N LYS B 4 -5.11 -9.52 -18.52
CA LYS B 4 -4.23 -10.62 -18.88
C LYS B 4 -3.20 -10.90 -17.80
N ARG B 5 -2.63 -9.83 -17.22
CA ARG B 5 -1.49 -9.90 -16.31
C ARG B 5 -1.79 -10.72 -15.04
N ILE B 6 -3.08 -10.78 -14.66
CA ILE B 6 -3.51 -11.50 -13.46
C ILE B 6 -4.20 -12.81 -13.81
N GLU B 7 -4.13 -13.22 -15.09
CA GLU B 7 -4.71 -14.50 -15.54
C GLU B 7 -4.12 -15.68 -14.74
N GLY B 8 -5.00 -16.51 -14.18
CA GLY B 8 -4.57 -17.63 -13.34
C GLY B 8 -3.98 -17.27 -11.98
N LEU B 9 -4.00 -16.00 -11.58
CA LEU B 9 -3.36 -15.60 -10.30
C LEU B 9 -4.35 -15.33 -9.19
N ASP B 10 -5.62 -15.65 -9.45
CA ASP B 10 -6.71 -15.43 -8.52
C ASP B 10 -6.77 -16.45 -7.41
N SER B 11 -6.19 -17.63 -7.58
CA SER B 11 -6.16 -18.54 -6.47
C SER B 11 -5.00 -18.19 -5.54
N ASN B 12 -5.28 -18.28 -4.25
CA ASN B 12 -4.31 -17.87 -3.26
C ASN B 12 -4.44 -18.82 -2.10
N VAL B 13 -3.27 -19.35 -1.73
CA VAL B 13 -3.13 -20.41 -0.72
C VAL B 13 -3.89 -20.09 0.62
N TRP B 14 -3.70 -18.86 1.09
CA TRP B 14 -4.31 -18.33 2.31
C TRP B 14 -5.83 -18.08 2.21
N VAL B 15 -6.31 -17.64 1.05
CA VAL B 15 -7.75 -17.64 0.73
C VAL B 15 -8.43 -19.01 1.04
N GLU B 16 -7.82 -20.14 0.65
CA GLU B 16 -8.35 -21.50 1.01
C GLU B 16 -8.49 -21.92 2.50
N PHE B 17 -7.52 -21.56 3.35
CA PHE B 17 -7.49 -22.08 4.73
C PHE B 17 -8.49 -21.41 5.71
N ASP B 23 -14.21 -23.45 13.35
CA ASP B 23 -14.29 -24.04 14.69
C ASP B 23 -13.41 -23.22 15.63
N PRO B 24 -13.98 -22.70 16.75
CA PRO B 24 -13.19 -21.94 17.74
C PRO B 24 -12.68 -22.74 18.96
N SER B 25 -12.91 -24.07 18.96
CA SER B 25 -12.26 -24.95 19.95
C SER B 25 -10.96 -25.60 19.41
N VAL B 26 -10.61 -25.29 18.15
CA VAL B 26 -9.36 -25.75 17.53
C VAL B 26 -8.17 -24.87 17.93
N VAL B 27 -7.03 -25.48 18.25
CA VAL B 27 -5.77 -24.74 18.49
C VAL B 27 -5.04 -24.52 17.15
N ASN B 28 -4.95 -23.24 16.73
CA ASN B 28 -4.39 -22.88 15.43
C ASN B 28 -2.90 -22.68 15.58
N LEU B 29 -2.14 -23.60 14.98
CA LEU B 29 -0.69 -23.47 14.85
C LEU B 29 -0.26 -23.36 13.37
N GLY B 30 -1.20 -22.87 12.55
CA GLY B 30 -1.05 -22.70 11.10
C GLY B 30 -0.39 -21.37 10.75
N GLN B 31 -1.22 -20.37 10.41
CA GLN B 31 -0.80 -19.02 9.98
C GLN B 31 0.15 -18.37 10.98
N GLY B 32 1.02 -17.49 10.49
CA GLY B 32 1.99 -16.77 11.32
C GLY B 32 1.33 -15.63 12.05
N PHE B 33 0.41 -15.97 12.94
CA PHE B 33 -0.36 -14.99 13.70
C PHE B 33 0.21 -15.08 15.12
N PRO B 34 1.08 -14.12 15.53
CA PRO B 34 1.52 -14.09 16.94
C PRO B 34 0.34 -13.88 17.91
N ASP B 35 0.25 -14.68 18.98
CA ASP B 35 -0.70 -14.30 20.05
C ASP B 35 0.00 -13.89 21.34
N ILE B 36 1.32 -13.75 21.28
CA ILE B 36 2.04 -13.04 22.33
C ILE B 36 1.70 -11.56 22.19
N SER B 37 1.90 -10.80 23.25
CA SER B 37 1.73 -9.36 23.20
C SER B 37 2.91 -8.69 22.52
N PRO B 38 2.64 -7.67 21.69
CA PRO B 38 3.72 -6.78 21.23
C PRO B 38 4.37 -6.12 22.45
N PRO B 39 5.64 -5.63 22.36
CA PRO B 39 6.17 -4.88 23.50
C PRO B 39 5.25 -3.71 23.87
N SER B 40 5.07 -3.47 25.17
CA SER B 40 4.15 -2.43 25.68
C SER B 40 4.40 -1.03 25.08
N TYR B 41 5.68 -0.65 24.96
CA TYR B 41 6.06 0.62 24.32
C TYR B 41 5.72 0.78 22.82
N VAL B 42 5.65 -0.33 22.09
CA VAL B 42 5.18 -0.29 20.70
C VAL B 42 3.72 0.21 20.64
N LYS B 43 2.87 -0.37 21.50
CA LYS B 43 1.46 0.01 21.62
C LYS B 43 1.26 1.44 22.15
N GLU B 44 1.99 1.78 23.22
CA GLU B 44 2.03 3.13 23.81
C GLU B 44 2.42 4.18 22.78
N GLU B 45 3.38 3.85 21.92
CA GLU B 45 3.86 4.83 20.96
C GLU B 45 2.82 5.06 19.87
N LEU B 46 2.06 4.04 19.52
CA LEU B 46 0.96 4.20 18.57
C LEU B 46 -0.11 5.11 19.15
N SER B 47 -0.48 4.85 20.42
CA SER B 47 -1.41 5.69 21.16
C SER B 47 -0.97 7.14 21.22
N LYS B 48 0.31 7.38 21.53
CA LYS B 48 0.82 8.73 21.54
C LYS B 48 0.75 9.42 20.17
N ALA B 49 1.07 8.70 19.09
CA ALA B 49 1.02 9.30 17.76
C ALA B 49 -0.43 9.64 17.35
N ALA B 50 -1.38 8.81 17.75
CA ALA B 50 -2.81 9.02 17.53
C ALA B 50 -3.28 10.43 17.99
N PHE B 51 -2.70 10.91 19.10
CA PHE B 51 -3.16 12.17 19.68
C PHE B 51 -2.50 13.39 19.07
N ILE B 52 -1.45 13.20 18.26
CA ILE B 52 -0.81 14.35 17.57
C ILE B 52 -1.48 14.56 16.19
N ASP B 53 -2.09 15.73 15.99
CA ASP B 53 -2.82 16.01 14.77
C ASP B 53 -2.01 15.77 13.48
N ASN B 54 -0.82 16.36 13.40
CA ASN B 54 0.09 16.17 12.28
C ASN B 54 0.44 14.72 11.97
N MET B 55 0.51 13.89 13.00
CA MET B 55 0.82 12.48 12.84
C MET B 55 -0.37 11.68 12.24
N ASN B 56 -1.50 12.36 12.03
CA ASN B 56 -2.66 11.78 11.33
C ASN B 56 -2.80 12.25 9.89
N GLN B 57 -1.90 13.11 9.44
CA GLN B 57 -1.90 13.64 8.06
C GLN B 57 -0.75 13.07 7.27
N TYR B 58 -0.79 13.26 5.96
CA TYR B 58 0.23 12.79 5.01
C TYR B 58 1.65 13.05 5.45
N THR B 59 2.50 12.03 5.32
CA THR B 59 3.95 12.22 5.57
C THR B 59 4.74 12.03 4.26
N ARG B 60 6.06 12.16 4.31
CA ARG B 60 6.93 11.87 3.16
C ARG B 60 6.55 10.50 2.53
N GLY B 61 6.32 10.56 1.21
CA GLY B 61 5.91 9.43 0.37
C GLY B 61 6.77 8.19 0.44
N PHE B 62 8.09 8.36 0.42
CA PHE B 62 9.00 7.21 0.42
C PHE B 62 9.37 6.71 1.81
N GLY B 63 8.88 7.42 2.83
CA GLY B 63 9.04 7.03 4.22
C GLY B 63 9.08 8.22 5.14
N HIS B 64 8.32 8.13 6.21
CA HIS B 64 8.34 9.09 7.32
C HIS B 64 9.81 9.41 7.65
N PRO B 65 10.19 10.71 7.67
CA PRO B 65 11.58 11.10 7.93
C PRO B 65 12.18 10.51 9.20
N ALA B 66 11.45 10.53 10.31
CA ALA B 66 11.97 9.92 11.54
C ALA B 66 12.22 8.40 11.42
N LEU B 67 11.40 7.72 10.62
CA LEU B 67 11.53 6.30 10.47
C LEU B 67 12.72 5.92 9.56
N VAL B 68 12.83 6.59 8.43
CA VAL B 68 13.96 6.30 7.55
C VAL B 68 15.31 6.65 8.23
N LYS B 69 15.32 7.70 9.05
CA LYS B 69 16.49 8.06 9.85
C LYS B 69 16.85 6.94 10.85
N ALA B 70 15.85 6.43 11.57
CA ALA B 70 16.07 5.32 12.49
C ALA B 70 16.62 4.06 11.77
N LEU B 71 16.01 3.74 10.62
CA LEU B 71 16.40 2.57 9.83
C LEU B 71 17.81 2.74 9.29
N SER B 72 18.12 3.96 8.86
CA SER B 72 19.44 4.37 8.40
C SER B 72 20.47 4.08 9.48
N CYS B 73 20.15 4.45 10.71
CA CYS B 73 21.08 4.33 11.81
C CYS B 73 21.28 2.86 12.26
N LEU B 74 20.16 2.14 12.45
CA LEU B 74 20.20 0.71 12.74
C LEU B 74 20.92 -0.11 11.61
N TYR B 75 20.47 0.03 10.38
CA TYR B 75 21.06 -0.78 9.33
C TYR B 75 22.48 -0.39 8.94
N GLY B 76 22.78 0.90 9.02
CA GLY B 76 24.16 1.38 8.94
C GLY B 76 25.15 0.71 9.90
N LYS B 77 24.71 0.40 11.12
CA LYS B 77 25.50 -0.39 12.08
C LYS B 77 25.68 -1.84 11.60
N ILE B 78 24.59 -2.51 11.21
CA ILE B 78 24.66 -3.89 10.68
C ILE B 78 25.58 -3.96 9.44
N TYR B 79 25.38 -3.07 8.47
CA TYR B 79 26.14 -3.08 7.24
C TYR B 79 27.57 -2.48 7.35
N GLN B 80 27.84 -1.70 8.41
CA GLN B 80 29.08 -0.92 8.54
C GLN B 80 29.25 0.04 7.36
N ARG B 81 28.18 0.71 6.99
CA ARG B 81 28.29 1.74 5.98
C ARG B 81 27.31 2.85 6.35
N GLN B 82 27.49 4.02 5.75
CA GLN B 82 26.55 5.14 5.86
C GLN B 82 25.43 4.92 4.85
N ILE B 83 24.22 4.71 5.33
CA ILE B 83 23.08 4.50 4.43
C ILE B 83 22.30 5.81 4.29
N ASP B 84 22.16 6.28 3.05
CA ASP B 84 21.36 7.47 2.78
C ASP B 84 19.86 7.18 3.08
N PRO B 85 19.27 7.93 4.04
CA PRO B 85 17.87 7.60 4.47
C PRO B 85 16.82 7.86 3.41
N ASN B 86 17.11 8.81 2.53
CA ASN B 86 16.21 9.21 1.45
C ASN B 86 16.36 8.47 0.15
N GLU B 87 17.58 8.03 -0.16
CA GLU B 87 17.87 7.46 -1.48
C GLU B 87 18.12 5.98 -1.49
N GLU B 88 18.46 5.42 -0.34
CA GLU B 88 18.84 4.02 -0.27
C GLU B 88 17.84 3.18 0.56
N ILE B 89 16.73 3.82 0.96
CA ILE B 89 15.62 3.18 1.72
C ILE B 89 14.28 3.51 1.08
N LEU B 90 13.40 2.53 1.01
CA LEU B 90 11.98 2.75 0.73
C LEU B 90 11.09 2.04 1.74
N VAL B 91 10.22 2.78 2.45
CA VAL B 91 9.18 2.18 3.29
C VAL B 91 7.97 1.83 2.40
N ALA B 92 7.51 0.57 2.48
CA ALA B 92 6.35 0.08 1.71
C ALA B 92 5.34 -0.61 2.64
N VAL B 93 4.19 -1.02 2.10
CA VAL B 93 3.15 -1.73 2.84
C VAL B 93 3.60 -3.17 3.03
N GLY B 94 4.34 -3.36 4.11
CA GLY B 94 4.89 -4.66 4.45
C GLY B 94 6.07 -5.07 3.58
N ALA B 95 6.65 -6.22 3.95
CA ALA B 95 7.58 -6.93 3.09
C ALA B 95 6.91 -7.34 1.79
N TYR B 96 5.64 -7.78 1.85
CA TYR B 96 4.83 -8.01 0.61
C TYR B 96 4.97 -6.85 -0.37
N GLY B 97 4.75 -5.63 0.13
CA GLY B 97 4.78 -4.44 -0.68
C GLY B 97 6.15 -4.13 -1.24
N SER B 98 7.17 -4.40 -0.42
CA SER B 98 8.57 -4.25 -0.80
C SER B 98 8.94 -5.19 -1.95
N LEU B 99 8.44 -6.43 -1.83
CA LEU B 99 8.71 -7.47 -2.83
C LEU B 99 8.08 -7.06 -4.17
N PHE B 100 6.80 -6.66 -4.10
CA PHE B 100 6.05 -6.11 -5.22
C PHE B 100 6.76 -4.92 -5.86
N ASN B 101 7.11 -3.89 -5.08
CA ASN B 101 7.96 -2.79 -5.57
C ASN B 101 9.21 -3.29 -6.33
N SER B 102 9.88 -4.31 -5.79
CA SER B 102 11.14 -4.80 -6.38
C SER B 102 10.93 -5.45 -7.73
N ILE B 103 9.95 -6.35 -7.79
CA ILE B 103 9.64 -7.07 -9.04
C ILE B 103 9.04 -6.15 -10.10
N GLN B 104 8.05 -5.35 -9.72
CA GLN B 104 7.40 -4.41 -10.63
C GLN B 104 8.37 -3.37 -11.25
N GLY B 105 9.36 -2.96 -10.47
CA GLY B 105 10.26 -1.90 -10.88
C GLY B 105 11.47 -2.38 -11.65
N LEU B 106 11.75 -3.69 -11.59
CA LEU B 106 13.05 -4.23 -12.03
C LEU B 106 13.03 -5.38 -13.04
N VAL B 107 11.89 -6.04 -13.15
CA VAL B 107 11.73 -7.31 -13.83
C VAL B 107 10.75 -7.14 -14.98
N ASP B 108 11.23 -7.47 -16.17
CA ASP B 108 10.46 -7.36 -17.43
C ASP B 108 9.79 -8.67 -17.84
N PRO B 109 8.71 -8.59 -18.68
CA PRO B 109 8.20 -9.79 -19.36
C PRO B 109 9.35 -10.47 -20.11
N GLY B 110 9.47 -11.76 -19.85
CA GLY B 110 10.49 -12.58 -20.49
C GLY B 110 11.73 -12.81 -19.64
N ASP B 111 11.95 -12.01 -18.61
CA ASP B 111 13.07 -12.23 -17.70
C ASP B 111 12.86 -13.56 -16.95
N GLU B 112 13.95 -14.20 -16.58
CA GLU B 112 13.88 -15.31 -15.66
C GLU B 112 14.19 -14.84 -14.22
N VAL B 113 13.47 -15.40 -13.25
CA VAL B 113 13.73 -15.15 -11.82
C VAL B 113 13.85 -16.48 -11.11
N ILE B 114 14.99 -16.71 -10.49
CA ILE B 114 15.28 -17.99 -9.84
C ILE B 114 14.68 -17.98 -8.43
N ILE B 115 13.99 -19.06 -8.08
CA ILE B 115 13.31 -19.19 -6.81
C ILE B 115 13.72 -20.52 -6.20
N MET B 116 14.04 -20.50 -4.91
CA MET B 116 14.39 -21.70 -4.17
C MET B 116 13.20 -22.32 -3.45
N VAL B 117 13.03 -23.62 -3.65
CA VAL B 117 11.84 -24.32 -3.23
C VAL B 117 12.21 -25.13 -1.97
N PRO B 118 11.38 -25.15 -0.92
CA PRO B 118 10.06 -24.46 -0.85
C PRO B 118 10.23 -22.95 -0.75
N PHE B 119 9.27 -22.21 -1.30
CA PHE B 119 9.32 -20.77 -1.26
C PHE B 119 8.08 -20.20 -0.62
N TYR B 120 8.26 -19.08 0.11
CA TYR B 120 7.14 -18.27 0.52
C TYR B 120 6.26 -17.98 -0.71
N ASP B 121 4.97 -18.21 -0.57
CA ASP B 121 4.10 -18.48 -1.73
C ASP B 121 3.91 -17.31 -2.71
N CYS B 122 4.02 -16.07 -2.25
CA CYS B 122 3.82 -14.90 -3.12
C CYS B 122 4.91 -14.71 -4.17
N TYR B 123 6.08 -15.35 -4.00
CA TYR B 123 7.18 -15.15 -4.93
C TYR B 123 6.76 -15.51 -6.34
N GLU B 124 6.07 -16.65 -6.45
CA GLU B 124 5.75 -17.16 -7.77
C GLU B 124 4.73 -16.27 -8.54
N PRO B 125 3.53 -16.00 -7.97
CA PRO B 125 2.60 -15.12 -8.72
C PRO B 125 3.15 -13.70 -8.98
N MET B 126 3.96 -13.16 -8.06
CA MET B 126 4.54 -11.83 -8.30
C MET B 126 5.43 -11.82 -9.54
N VAL B 127 6.28 -12.87 -9.69
CA VAL B 127 7.15 -13.02 -10.86
C VAL B 127 6.25 -13.14 -12.10
N ARG B 128 5.20 -13.96 -12.00
CA ARG B 128 4.28 -14.22 -13.13
C ARG B 128 3.51 -12.97 -13.52
N MET B 129 3.07 -12.16 -12.55
CA MET B 129 2.36 -10.91 -12.86
C MET B 129 3.19 -9.94 -13.66
N ALA B 130 4.51 -10.00 -13.47
CA ALA B 130 5.45 -9.15 -14.21
C ALA B 130 5.77 -9.73 -15.59
N GLY B 131 5.18 -10.89 -15.91
CA GLY B 131 5.38 -11.54 -17.20
C GLY B 131 6.70 -12.29 -17.25
N ALA B 132 7.29 -12.54 -16.08
CA ALA B 132 8.58 -13.21 -16.00
C ALA B 132 8.42 -14.73 -15.76
N VAL B 133 9.52 -15.46 -15.96
CA VAL B 133 9.49 -16.91 -15.85
C VAL B 133 10.18 -17.31 -14.58
N PRO B 134 9.41 -17.92 -13.66
CA PRO B 134 10.03 -18.47 -12.45
C PRO B 134 10.79 -19.73 -12.83
N VAL B 135 12.01 -19.80 -12.31
CA VAL B 135 12.91 -20.90 -12.54
C VAL B 135 13.20 -21.51 -11.15
N PHE B 136 12.68 -22.71 -10.93
CA PHE B 136 12.67 -23.35 -9.63
C PHE B 136 13.92 -24.19 -9.37
N ILE B 137 14.42 -24.13 -8.16
CA ILE B 137 15.48 -25.04 -7.73
C ILE B 137 15.14 -25.48 -6.31
N PRO B 138 15.18 -26.80 -6.04
CA PRO B 138 14.81 -27.22 -4.66
C PRO B 138 16.00 -27.24 -3.72
N LEU B 139 15.74 -26.84 -2.47
CA LEU B 139 16.63 -27.23 -1.37
C LEU B 139 16.55 -28.78 -1.26
N ARG B 140 17.65 -29.39 -0.87
CA ARG B 140 17.79 -30.85 -0.79
C ARG B 140 18.48 -31.22 0.50
N SER B 141 18.15 -32.40 1.01
CA SER B 141 18.72 -32.97 2.25
C SER B 141 20.11 -33.53 2.13
N LYS B 142 20.83 -33.45 3.25
CA LYS B 142 22.15 -33.98 3.45
C LYS B 142 22.05 -35.03 4.53
N PRO B 143 23.04 -35.94 4.60
CA PRO B 143 23.03 -36.83 5.76
C PRO B 143 23.13 -36.05 7.07
N THR B 144 22.31 -36.48 8.00
CA THR B 144 22.16 -35.90 9.32
C THR B 144 23.39 -36.29 10.17
N ASP B 145 23.64 -35.51 11.24
CA ASP B 145 24.66 -35.89 12.20
C ASP B 145 24.30 -37.16 13.08
N GLY B 146 23.24 -37.89 12.73
CA GLY B 146 22.76 -39.03 13.51
C GLY B 146 21.85 -38.64 14.68
N MET B 147 22.23 -37.60 15.42
CA MET B 147 21.54 -37.19 16.65
C MET B 147 20.12 -36.62 16.44
N LYS B 148 20.04 -35.52 15.69
CA LYS B 148 18.80 -34.74 15.47
C LYS B 148 18.67 -34.27 14.00
N TRP B 149 17.44 -34.01 13.54
CA TRP B 149 17.19 -33.40 12.24
C TRP B 149 17.05 -31.86 12.35
N THR B 150 17.92 -31.12 11.65
CA THR B 150 17.86 -29.63 11.67
C THR B 150 17.81 -28.99 10.27
N SER B 151 17.36 -27.73 10.21
CA SER B 151 17.33 -26.90 8.98
C SER B 151 18.65 -26.88 8.22
N SER B 152 19.76 -26.92 8.96
CA SER B 152 21.09 -26.92 8.38
C SER B 152 21.44 -28.23 7.61
N ASP B 153 20.57 -29.24 7.75
CA ASP B 153 20.69 -30.48 6.97
C ASP B 153 20.04 -30.36 5.59
N TRP B 154 19.57 -29.16 5.27
CA TRP B 154 19.07 -28.84 3.94
C TRP B 154 20.01 -27.82 3.31
N THR B 155 20.29 -27.99 2.04
CA THR B 155 21.14 -27.07 1.35
C THR B 155 20.77 -27.16 -0.09
N PHE B 156 21.55 -26.51 -0.95
CA PHE B 156 21.34 -26.59 -2.40
C PHE B 156 22.65 -26.98 -3.05
N ASP B 157 22.56 -27.54 -4.24
CA ASP B 157 23.69 -28.00 -4.99
C ASP B 157 24.19 -26.81 -5.83
N PRO B 158 25.45 -26.33 -5.61
CA PRO B 158 25.95 -25.14 -6.34
C PRO B 158 26.01 -25.30 -7.87
N ARG B 159 26.20 -26.54 -8.33
CA ARG B 159 26.26 -26.88 -9.75
C ARG B 159 24.88 -26.84 -10.40
N GLU B 160 23.86 -27.32 -9.68
CA GLU B 160 22.48 -27.19 -10.12
C GLU B 160 22.05 -25.70 -10.17
N LEU B 161 22.48 -24.93 -9.16
CA LEU B 161 22.19 -23.50 -9.12
C LEU B 161 22.80 -22.81 -10.32
N GLU B 162 24.08 -23.11 -10.60
CA GLU B 162 24.79 -22.50 -11.71
C GLU B 162 24.01 -22.74 -12.97
N SER B 163 23.51 -23.96 -13.16
CA SER B 163 22.80 -24.34 -14.37
C SER B 163 21.44 -23.62 -14.53
N LYS B 164 20.93 -23.02 -13.47
CA LYS B 164 19.71 -22.21 -13.53
C LYS B 164 19.96 -20.82 -14.10
N PHE B 165 21.20 -20.34 -13.98
CA PHE B 165 21.56 -19.03 -14.48
C PHE B 165 21.76 -19.08 -16.00
N SER B 166 21.13 -18.16 -16.71
CA SER B 166 21.42 -17.94 -18.13
C SER B 166 21.43 -16.43 -18.37
N SER B 167 21.49 -16.06 -19.63
CA SER B 167 21.47 -14.65 -20.01
C SER B 167 20.05 -14.10 -19.94
N LYS B 168 19.08 -14.95 -19.70
CA LYS B 168 17.72 -14.51 -19.40
C LYS B 168 17.49 -14.17 -17.92
N THR B 169 18.40 -14.57 -17.02
CA THR B 169 18.18 -14.37 -15.60
C THR B 169 18.31 -12.90 -15.22
N LYS B 170 17.26 -12.39 -14.57
CA LYS B 170 17.28 -11.02 -14.13
C LYS B 170 17.67 -10.98 -12.68
N ALA B 171 17.18 -11.97 -11.92
CA ALA B 171 17.35 -12.00 -10.48
C ALA B 171 17.13 -13.39 -9.85
N ILE B 172 17.69 -13.57 -8.66
CA ILE B 172 17.36 -14.65 -7.71
C ILE B 172 16.70 -14.03 -6.47
N ILE B 173 15.63 -14.69 -5.98
CA ILE B 173 14.98 -14.31 -4.72
C ILE B 173 15.55 -15.20 -3.64
N LEU B 174 16.04 -14.59 -2.57
CA LEU B 174 16.63 -15.29 -1.44
C LEU B 174 15.80 -15.00 -0.21
N ASN B 175 15.56 -16.01 0.61
CA ASN B 175 14.83 -15.82 1.83
C ASN B 175 15.56 -16.48 3.01
N THR B 176 16.21 -15.65 3.84
CA THR B 176 16.93 -16.12 5.01
C THR B 176 16.72 -15.13 6.14
N PRO B 177 16.38 -15.59 7.37
CA PRO B 177 15.99 -17.00 7.69
C PRO B 177 14.78 -17.42 6.89
N HIS B 178 14.74 -18.69 6.53
CA HIS B 178 13.85 -19.19 5.50
C HIS B 178 12.50 -19.59 6.09
N ASN B 179 11.44 -19.27 5.35
CA ASN B 179 10.07 -19.76 5.63
C ASN B 179 9.68 -20.66 4.43
N PRO B 180 9.36 -21.96 4.60
CA PRO B 180 8.94 -22.59 5.85
C PRO B 180 10.00 -23.41 6.61
N LEU B 181 11.22 -23.50 6.09
CA LEU B 181 12.15 -24.48 6.61
C LEU B 181 12.85 -24.07 7.91
N GLY B 182 13.10 -22.76 8.09
CA GLY B 182 13.76 -22.29 9.27
C GLY B 182 15.26 -22.22 9.12
N LYS B 183 15.70 -22.45 7.87
CA LYS B 183 17.07 -22.41 7.45
C LYS B 183 17.69 -20.99 7.56
N VAL B 184 18.82 -20.92 8.26
CA VAL B 184 19.63 -19.70 8.31
C VAL B 184 20.79 -19.98 7.34
N TYR B 185 20.77 -19.35 6.16
CA TYR B 185 21.78 -19.60 5.14
C TYR B 185 23.18 -19.24 5.64
N THR B 186 24.16 -20.10 5.31
CA THR B 186 25.55 -19.93 5.79
C THR B 186 26.27 -18.93 4.91
N ARG B 187 27.31 -18.31 5.45
CA ARG B 187 28.22 -17.50 4.64
C ARG B 187 28.64 -18.17 3.30
N GLN B 188 28.96 -19.47 3.33
CA GLN B 188 29.47 -20.17 2.12
C GLN B 188 28.39 -20.35 1.06
N GLU B 189 27.17 -20.64 1.53
CA GLU B 189 25.98 -20.66 0.67
C GLU B 189 25.74 -19.30 -0.01
N LEU B 190 25.81 -18.23 0.79
CA LEU B 190 25.61 -16.86 0.27
C LEU B 190 26.66 -16.48 -0.76
N GLN B 191 27.89 -16.93 -0.50
CA GLN B 191 29.00 -16.74 -1.41
C GLN B 191 28.76 -17.43 -2.76
N VAL B 192 28.16 -18.62 -2.78
CA VAL B 192 27.83 -19.25 -4.06
C VAL B 192 26.83 -18.42 -4.84
N ILE B 193 25.78 -17.95 -4.16
CA ILE B 193 24.79 -17.04 -4.77
C ILE B 193 25.46 -15.73 -5.28
N ALA B 194 26.27 -15.08 -4.42
CA ALA B 194 27.04 -13.88 -4.79
C ALA B 194 27.89 -14.08 -6.05
N ASP B 195 28.73 -15.14 -6.09
CA ASP B 195 29.59 -15.43 -7.26
C ASP B 195 28.81 -15.43 -8.56
N LEU B 196 27.63 -16.08 -8.54
CA LEU B 196 26.75 -16.23 -9.70
C LEU B 196 26.01 -14.94 -10.08
N CYS B 197 25.53 -14.16 -9.09
CA CYS B 197 24.98 -12.81 -9.39
C CYS B 197 25.99 -11.86 -10.03
N VAL B 198 27.22 -11.86 -9.51
CA VAL B 198 28.32 -11.09 -10.07
C VAL B 198 28.70 -11.60 -11.48
N LYS B 199 28.99 -12.90 -11.62
CA LYS B 199 29.34 -13.46 -12.91
C LYS B 199 28.27 -13.21 -13.99
N HIS B 200 26.99 -13.30 -13.62
CA HIS B 200 25.91 -13.14 -14.62
C HIS B 200 25.36 -11.73 -14.70
N ASP B 201 25.75 -10.90 -13.75
CA ASP B 201 25.21 -9.56 -13.59
C ASP B 201 23.68 -9.56 -13.39
N THR B 202 23.27 -10.20 -12.31
CA THR B 202 21.87 -10.29 -11.96
C THR B 202 21.64 -9.59 -10.62
N LEU B 203 20.38 -9.34 -10.35
CA LEU B 203 19.97 -8.82 -9.06
C LEU B 203 19.83 -9.97 -8.04
N CYS B 204 19.96 -9.61 -6.76
CA CYS B 204 19.51 -10.44 -5.70
C CYS B 204 18.45 -9.68 -4.89
N ILE B 205 17.27 -10.28 -4.76
CA ILE B 205 16.25 -9.74 -3.86
C ILE B 205 16.21 -10.61 -2.59
N SER B 206 16.61 -10.02 -1.48
CA SER B 206 16.81 -10.77 -0.29
C SER B 206 15.79 -10.43 0.78
N ASP B 207 14.95 -11.43 1.08
CA ASP B 207 13.84 -11.29 1.99
C ASP B 207 14.30 -11.77 3.35
N GLU B 208 14.60 -10.78 4.21
CA GLU B 208 15.22 -11.04 5.51
C GLU B 208 14.34 -10.55 6.64
N VAL B 209 13.03 -10.75 6.48
CA VAL B 209 12.09 -10.32 7.52
C VAL B 209 12.38 -10.98 8.87
N TYR B 210 12.81 -12.24 8.89
CA TYR B 210 13.08 -12.97 10.15
C TYR B 210 14.50 -12.77 10.66
N GLU B 211 15.18 -11.72 10.19
CA GLU B 211 16.61 -11.50 10.43
C GLU B 211 17.01 -11.56 11.91
N TRP B 212 16.20 -10.99 12.83
CA TRP B 212 16.51 -11.06 14.28
C TRP B 212 16.33 -12.45 14.90
N LEU B 213 15.57 -13.31 14.21
CA LEU B 213 15.11 -14.56 14.82
C LEU B 213 16.01 -15.70 14.41
N VAL B 214 17.24 -15.65 14.91
CA VAL B 214 18.21 -16.71 14.73
C VAL B 214 18.69 -17.30 16.08
N TYR B 215 18.67 -18.65 16.15
CA TYR B 215 18.93 -19.36 17.40
C TYR B 215 20.40 -19.68 17.60
N THR B 216 20.76 -20.22 18.78
CA THR B 216 22.13 -20.63 19.19
C THR B 216 22.87 -21.39 18.12
N GLY B 217 24.09 -20.96 17.83
CA GLY B 217 24.97 -21.64 16.87
C GLY B 217 24.76 -21.22 15.42
N HIS B 218 24.02 -20.13 15.18
CA HIS B 218 23.81 -19.59 13.83
C HIS B 218 23.85 -18.06 13.86
N THR B 219 24.20 -17.44 12.73
CA THR B 219 24.29 -15.98 12.63
C THR B 219 23.67 -15.52 11.35
N HIS B 220 22.80 -14.52 11.47
CA HIS B 220 22.29 -13.86 10.28
C HIS B 220 23.41 -13.15 9.55
N VAL B 221 23.60 -13.50 8.29
CA VAL B 221 24.56 -12.83 7.40
C VAL B 221 23.75 -12.27 6.23
N LYS B 222 23.99 -10.99 5.92
CA LYS B 222 23.33 -10.29 4.83
C LYS B 222 24.20 -10.43 3.56
N ILE B 223 23.66 -11.11 2.55
CA ILE B 223 24.33 -11.22 1.25
C ILE B 223 24.77 -9.85 0.67
N ALA B 224 24.05 -8.78 0.97
CA ALA B 224 24.38 -7.43 0.47
C ALA B 224 25.73 -6.93 1.04
N THR B 225 26.22 -7.58 2.12
CA THR B 225 27.54 -7.23 2.68
C THR B 225 28.71 -8.00 2.05
N LEU B 226 28.41 -8.98 1.19
CA LEU B 226 29.46 -9.76 0.53
C LEU B 226 30.12 -8.93 -0.59
N PRO B 227 31.42 -9.18 -0.88
CA PRO B 227 32.04 -8.31 -1.94
C PRO B 227 31.21 -8.26 -3.25
N GLY B 228 31.03 -7.06 -3.79
CA GLY B 228 30.30 -6.82 -5.04
C GLY B 228 28.77 -6.96 -4.99
N MET B 229 28.20 -7.22 -3.81
CA MET B 229 26.76 -7.42 -3.70
C MET B 229 25.92 -6.13 -3.39
N TRP B 230 26.50 -5.18 -2.65
CA TRP B 230 25.80 -3.94 -2.30
C TRP B 230 25.11 -3.34 -3.53
N GLU B 231 25.84 -3.30 -4.66
CA GLU B 231 25.37 -2.71 -5.90
C GLU B 231 24.25 -3.49 -6.62
N ARG B 232 23.98 -4.74 -6.21
CA ARG B 232 23.03 -5.57 -6.96
C ARG B 232 21.97 -6.24 -6.09
N THR B 233 21.80 -5.72 -4.87
CA THR B 233 20.91 -6.36 -3.89
C THR B 233 19.89 -5.38 -3.30
N ILE B 234 18.65 -5.84 -3.22
CA ILE B 234 17.59 -5.22 -2.44
C ILE B 234 17.35 -6.17 -1.25
N THR B 235 17.46 -5.64 -0.04
CA THR B 235 17.28 -6.40 1.16
C THR B 235 16.03 -5.87 1.87
N ILE B 236 15.18 -6.79 2.29
CA ILE B 236 13.86 -6.41 2.73
C ILE B 236 13.65 -6.70 4.21
N GLY B 237 13.10 -5.72 4.95
CA GLY B 237 12.72 -5.94 6.34
C GLY B 237 11.26 -5.72 6.64
N SER B 238 10.84 -6.05 7.86
CA SER B 238 9.43 -5.97 8.24
C SER B 238 9.20 -5.59 9.70
N ALA B 239 8.37 -4.57 9.89
CA ALA B 239 7.94 -4.16 11.22
C ALA B 239 7.17 -5.27 11.90
N GLY B 240 6.31 -5.96 11.14
CA GLY B 240 5.47 -7.02 11.65
C GLY B 240 6.27 -8.13 12.31
N LYS B 241 7.47 -8.42 11.79
CA LYS B 241 8.35 -9.42 12.39
C LYS B 241 9.26 -8.81 13.45
N THR B 242 9.90 -7.69 13.12
CA THR B 242 10.77 -7.03 14.06
C THR B 242 10.09 -6.73 15.41
N PHE B 243 8.82 -6.28 15.39
CA PHE B 243 8.16 -5.84 16.63
C PHE B 243 6.92 -6.62 16.99
N SER B 244 6.73 -7.77 16.35
CA SER B 244 5.59 -8.67 16.56
C SER B 244 4.25 -7.97 16.42
N VAL B 245 4.17 -7.10 15.42
CA VAL B 245 2.94 -6.37 15.09
C VAL B 245 2.57 -6.57 13.62
N THR B 246 2.22 -7.81 13.29
CA THR B 246 1.94 -8.19 11.92
C THR B 246 0.86 -7.35 11.24
N GLY B 247 0.01 -6.70 12.04
CA GLY B 247 -1.11 -5.94 11.53
C GLY B 247 -0.73 -4.53 11.17
N TRP B 248 0.54 -4.13 11.33
CA TRP B 248 0.98 -2.76 10.99
C TRP B 248 1.33 -2.60 9.52
N LYS B 249 1.72 -3.70 8.89
CA LYS B 249 1.99 -3.75 7.45
C LYS B 249 2.95 -2.65 7.00
N LEU B 250 4.10 -2.61 7.65
CA LEU B 250 5.19 -1.74 7.25
C LEU B 250 6.47 -2.56 7.06
N GLY B 251 7.03 -2.45 5.86
CA GLY B 251 8.32 -3.05 5.55
C GLY B 251 9.23 -2.04 4.88
N TRP B 252 10.45 -2.45 4.58
CA TRP B 252 11.39 -1.55 3.91
C TRP B 252 12.31 -2.32 3.00
N SER B 253 12.74 -1.62 1.93
CA SER B 253 13.79 -2.08 1.04
C SER B 253 15.01 -1.19 1.25
N ILE B 254 16.17 -1.83 1.33
CA ILE B 254 17.42 -1.11 1.48
C ILE B 254 18.35 -1.56 0.39
N GLY B 255 19.00 -0.61 -0.27
CA GLY B 255 19.95 -0.93 -1.32
C GLY B 255 20.47 0.30 -2.04
N PRO B 256 21.22 0.12 -3.15
CA PRO B 256 21.84 1.29 -3.80
C PRO B 256 20.76 2.16 -4.46
N ALA B 257 21.07 3.46 -4.58
CA ALA B 257 20.16 4.44 -5.14
C ALA B 257 19.67 4.05 -6.52
N HIS B 258 20.55 3.50 -7.36
CA HIS B 258 20.18 3.24 -8.76
C HIS B 258 19.18 2.11 -8.88
N LEU B 259 19.03 1.32 -7.82
CA LEU B 259 17.95 0.32 -7.73
C LEU B 259 16.76 0.85 -6.95
N ILE B 260 17.01 1.46 -5.78
CA ILE B 260 15.92 1.94 -4.92
C ILE B 260 15.02 2.95 -5.65
N LYS B 261 15.60 3.79 -6.51
CA LYS B 261 14.78 4.77 -7.24
C LYS B 261 13.67 4.13 -8.08
N HIS B 262 13.89 2.90 -8.55
CA HIS B 262 12.90 2.23 -9.40
C HIS B 262 11.76 1.62 -8.56
N LEU B 263 12.10 1.12 -7.38
CA LEU B 263 11.09 0.78 -6.38
C LEU B 263 10.31 2.04 -6.05
N GLN B 264 11.01 3.17 -5.88
CA GLN B 264 10.33 4.43 -5.55
C GLN B 264 9.32 4.82 -6.64
N THR B 265 9.67 4.58 -7.89
CA THR B 265 8.79 4.86 -9.04
C THR B 265 7.53 3.98 -9.00
N VAL B 266 7.68 2.72 -8.61
CA VAL B 266 6.51 1.88 -8.50
C VAL B 266 5.59 2.43 -7.42
N GLN B 267 6.15 2.74 -6.25
CA GLN B 267 5.37 3.18 -5.14
C GLN B 267 4.61 4.47 -5.43
N GLN B 268 5.27 5.48 -5.99
CA GLN B 268 4.59 6.76 -6.28
C GLN B 268 3.45 6.58 -7.29
N ASN B 269 3.53 5.53 -8.09
CA ASN B 269 2.50 5.23 -9.09
C ASN B 269 1.47 4.17 -8.68
N SER B 270 1.63 3.64 -7.46
CA SER B 270 0.73 2.61 -6.94
C SER B 270 -0.04 3.11 -5.69
N PHE B 271 0.54 3.07 -4.50
CA PHE B 271 -0.18 3.51 -3.29
C PHE B 271 0.36 4.82 -2.70
N TYR B 272 1.55 5.19 -3.17
CA TYR B 272 2.30 6.37 -2.77
C TYR B 272 2.79 6.37 -1.30
N THR B 273 1.91 6.65 -0.35
CA THR B 273 2.37 6.95 0.98
C THR B 273 1.90 5.87 1.94
N CYS B 274 2.74 5.55 2.91
CA CYS B 274 2.31 4.67 4.00
C CYS B 274 1.75 5.49 5.17
N ALA B 275 1.05 4.81 6.07
CA ALA B 275 0.37 5.46 7.18
C ALA B 275 1.33 6.24 8.09
N THR B 276 1.00 7.52 8.33
CA THR B 276 1.81 8.33 9.25
C THR B 276 1.83 7.83 10.71
N PRO B 277 0.66 7.56 11.36
CA PRO B 277 0.73 7.24 12.81
C PRO B 277 1.59 5.99 13.12
N LEU B 278 1.46 4.96 12.27
CA LEU B 278 2.19 3.70 12.47
C LEU B 278 3.68 3.88 12.30
N GLN B 279 4.07 4.64 11.26
CA GLN B 279 5.45 4.98 11.01
C GLN B 279 6.06 5.88 12.13
N ALA B 280 5.33 6.87 12.63
CA ALA B 280 5.82 7.66 13.77
C ALA B 280 6.10 6.81 14.99
N ALA B 281 5.12 5.96 15.34
CA ALA B 281 5.27 5.06 16.47
C ALA B 281 6.45 4.06 16.28
N LEU B 282 6.59 3.58 15.05
CA LEU B 282 7.61 2.57 14.69
C LEU B 282 8.99 3.20 14.80
N ALA B 283 9.14 4.42 14.29
CA ALA B 283 10.37 5.21 14.50
C ALA B 283 10.79 5.24 16.01
N GLU B 284 9.86 5.59 16.89
CA GLU B 284 10.14 5.65 18.33
C GLU B 284 10.44 4.28 18.94
N ALA B 285 9.69 3.25 18.53
CA ALA B 285 9.99 1.87 18.94
C ALA B 285 11.44 1.52 18.56
N PHE B 286 11.85 1.84 17.34
CA PHE B 286 13.23 1.65 16.90
C PHE B 286 14.25 2.39 17.76
N TRP B 287 13.98 3.64 18.13
CA TRP B 287 14.99 4.41 18.88
C TRP B 287 15.19 3.78 20.24
N ILE B 288 14.09 3.36 20.87
CA ILE B 288 14.14 2.72 22.17
C ILE B 288 15.12 1.56 22.07
N ASP B 289 14.88 0.63 21.15
CA ASP B 289 15.70 -0.57 21.04
C ASP B 289 17.09 -0.39 20.43
N ILE B 290 17.24 0.56 19.51
CA ILE B 290 18.55 0.90 18.95
C ILE B 290 19.51 1.38 20.06
N LYS B 291 18.97 2.11 21.04
CA LYS B 291 19.81 2.69 22.09
C LYS B 291 20.30 1.64 23.10
N ARG B 292 19.74 0.44 23.08
CA ARG B 292 20.11 -0.64 24.00
C ARG B 292 20.46 -1.99 23.33
N MET B 293 21.05 -1.96 22.13
CA MET B 293 21.39 -3.21 21.39
C MET B 293 22.33 -4.16 22.13
N ASP B 294 23.32 -3.55 22.79
CA ASP B 294 24.14 -4.09 23.88
C ASP B 294 23.47 -5.02 24.91
N ASP B 295 22.28 -4.62 25.38
CA ASP B 295 21.63 -5.22 26.56
C ASP B 295 20.65 -6.35 26.23
N PRO B 296 20.50 -7.32 27.17
CA PRO B 296 19.52 -8.39 26.94
C PRO B 296 18.07 -7.92 26.98
N GLU B 297 17.84 -6.65 27.36
CA GLU B 297 16.50 -6.05 27.35
C GLU B 297 16.05 -5.61 25.94
N CYS B 298 16.99 -5.29 25.05
CA CYS B 298 16.69 -5.01 23.66
C CYS B 298 15.81 -6.09 23.05
N TYR B 299 14.70 -5.67 22.45
CA TYR B 299 13.75 -6.60 21.86
C TYR B 299 14.37 -7.43 20.72
N PHE B 300 15.42 -6.90 20.08
CA PHE B 300 16.16 -7.63 19.07
C PHE B 300 16.85 -8.85 19.70
N ASN B 301 17.15 -8.78 21.00
CA ASN B 301 17.81 -9.84 21.79
C ASN B 301 16.85 -10.73 22.54
N SER B 302 15.87 -10.11 23.21
CA SER B 302 14.99 -10.83 24.11
C SER B 302 14.00 -11.75 23.42
N LEU B 303 13.51 -11.34 22.25
CA LEU B 303 12.53 -12.15 21.48
C LEU B 303 13.11 -13.46 20.94
N PRO B 304 14.25 -13.41 20.21
CA PRO B 304 14.83 -14.69 19.82
C PRO B 304 15.12 -15.60 21.02
N LYS B 305 15.59 -15.03 22.14
CA LYS B 305 15.86 -15.80 23.37
C LYS B 305 14.57 -16.47 23.91
N GLU B 306 13.48 -15.71 24.01
CA GLU B 306 12.16 -16.19 24.42
C GLU B 306 11.65 -17.29 23.47
N LEU B 307 11.82 -17.07 22.15
CA LEU B 307 11.33 -18.01 21.14
C LEU B 307 12.10 -19.33 21.04
N GLU B 308 13.41 -19.29 21.30
CA GLU B 308 14.25 -20.51 21.33
C GLU B 308 13.73 -21.53 22.34
N VAL B 309 13.31 -21.04 23.49
CA VAL B 309 12.70 -21.88 24.52
C VAL B 309 11.48 -22.56 23.88
N LYS B 310 10.61 -21.75 23.28
CA LYS B 310 9.36 -22.25 22.68
C LYS B 310 9.61 -23.22 21.52
N ARG B 311 10.61 -22.93 20.68
CA ARG B 311 11.07 -23.87 19.67
C ARG B 311 11.39 -25.25 20.28
N ASP B 312 12.32 -25.25 21.24
CA ASP B 312 12.74 -26.46 21.95
C ASP B 312 11.55 -27.19 22.57
N ARG B 313 10.55 -26.44 23.04
CA ARG B 313 9.28 -27.03 23.53
C ARG B 313 8.51 -27.77 22.46
N MET B 314 8.28 -27.11 21.34
CA MET B 314 7.64 -27.71 20.16
C MET B 314 8.33 -28.95 19.65
N VAL B 315 9.67 -28.92 19.60
CA VAL B 315 10.39 -30.12 19.20
C VAL B 315 10.16 -31.32 20.13
N ARG B 316 10.09 -31.10 21.45
CA ARG B 316 9.77 -32.17 22.40
C ARG B 316 8.37 -32.72 22.17
N LEU B 317 7.41 -31.80 22.00
CA LEU B 317 6.00 -32.16 21.76
C LEU B 317 5.77 -32.93 20.46
N LEU B 318 6.46 -32.53 19.39
CA LEU B 318 6.35 -33.20 18.11
C LEU B 318 6.98 -34.60 18.18
N ASN B 319 8.20 -34.70 18.71
CA ASN B 319 8.85 -35.98 19.02
C ASN B 319 7.91 -36.88 19.85
N SER B 320 7.31 -36.31 20.91
CA SER B 320 6.47 -37.07 21.86
C SER B 320 5.37 -37.90 21.21
N VAL B 321 5.08 -37.63 19.94
CA VAL B 321 3.96 -38.24 19.25
C VAL B 321 4.32 -38.92 17.91
N GLY B 322 5.62 -39.15 17.66
CA GLY B 322 6.11 -39.78 16.41
C GLY B 322 6.17 -38.87 15.17
N LEU B 323 6.06 -37.55 15.35
CA LEU B 323 6.31 -36.56 14.27
C LEU B 323 7.78 -36.11 14.31
N LYS B 324 8.52 -36.38 13.23
CA LYS B 324 9.95 -36.07 13.18
C LYS B 324 10.14 -34.55 12.89
N PRO B 325 10.50 -33.75 13.92
CA PRO B 325 10.71 -32.31 13.69
C PRO B 325 12.04 -32.00 12.98
N ILE B 326 12.04 -30.94 12.19
CA ILE B 326 13.26 -30.44 11.64
C ILE B 326 13.54 -29.20 12.47
N VAL B 327 14.52 -29.27 13.37
CA VAL B 327 14.80 -28.17 14.27
C VAL B 327 15.24 -26.93 13.46
N PRO B 328 14.47 -25.81 13.57
CA PRO B 328 14.86 -24.61 12.79
C PRO B 328 16.05 -23.83 13.38
N ASP B 329 16.98 -23.41 12.52
CA ASP B 329 18.07 -22.48 12.88
C ASP B 329 17.54 -21.07 13.29
N GLY B 330 16.29 -20.78 12.89
CA GLY B 330 15.77 -19.40 12.84
C GLY B 330 14.31 -19.34 12.48
N GLY B 331 13.69 -18.17 12.66
CA GLY B 331 12.26 -17.98 12.40
C GLY B 331 11.38 -18.56 13.48
N TYR B 332 10.07 -18.60 13.25
CA TYR B 332 9.18 -19.17 14.24
C TYR B 332 8.23 -20.20 13.67
N PHE B 333 8.73 -20.91 12.69
CA PHE B 333 8.04 -22.06 12.15
C PHE B 333 8.88 -23.31 12.34
N ILE B 334 8.22 -24.45 12.49
CA ILE B 334 8.93 -25.71 12.52
C ILE B 334 8.17 -26.72 11.66
N ILE B 335 8.89 -27.38 10.78
CA ILE B 335 8.32 -28.46 9.95
C ILE B 335 8.45 -29.81 10.66
N ALA B 336 7.41 -30.64 10.55
CA ALA B 336 7.53 -32.02 11.03
C ALA B 336 7.23 -32.97 9.91
N ASP B 337 8.05 -34.01 9.79
CA ASP B 337 7.72 -35.13 8.92
C ASP B 337 6.63 -35.95 9.56
N VAL B 338 5.68 -36.31 8.72
CA VAL B 338 4.38 -36.79 9.13
C VAL B 338 4.21 -38.27 8.73
N SER B 339 5.16 -38.75 7.92
CA SER B 339 5.04 -40.07 7.29
C SER B 339 5.09 -41.30 8.21
N SER B 340 5.79 -41.22 9.33
CA SER B 340 5.82 -42.35 10.22
C SER B 340 4.58 -42.49 11.15
N LEU B 341 3.46 -41.82 10.87
CA LEU B 341 2.21 -42.06 11.61
C LEU B 341 1.35 -43.17 11.04
N GLU B 352 -4.92 -34.62 -4.95
CA GLU B 352 -4.76 -33.67 -3.86
C GLU B 352 -3.70 -34.16 -2.83
N PRO B 353 -2.70 -33.30 -2.45
CA PRO B 353 -1.44 -33.78 -1.86
C PRO B 353 -1.56 -34.31 -0.42
N TYR B 354 -0.63 -35.19 -0.06
CA TYR B 354 -0.72 -35.90 1.22
C TYR B 354 -0.88 -34.98 2.42
N ASP B 355 -0.02 -33.95 2.52
CA ASP B 355 -0.05 -32.99 3.63
C ASP B 355 -1.35 -32.22 3.79
N TYR B 356 -2.02 -31.89 2.68
CA TYR B 356 -3.38 -31.28 2.74
C TYR B 356 -4.40 -32.22 3.39
N LYS B 357 -4.40 -33.50 3.00
CA LYS B 357 -5.26 -34.51 3.61
C LYS B 357 -4.94 -34.65 5.12
N PHE B 358 -3.64 -34.80 5.43
CA PHE B 358 -3.20 -34.91 6.83
C PHE B 358 -3.66 -33.74 7.69
N VAL B 359 -3.55 -32.52 7.16
CA VAL B 359 -3.90 -31.33 7.95
C VAL B 359 -5.42 -31.31 8.25
N LYS B 360 -6.24 -31.70 7.28
CA LYS B 360 -7.70 -31.79 7.45
C LYS B 360 -8.05 -32.86 8.50
N TRP B 361 -7.37 -34.00 8.39
CA TRP B 361 -7.42 -35.08 9.37
C TRP B 361 -7.00 -34.64 10.78
N MET B 362 -5.99 -33.79 10.92
CA MET B 362 -5.53 -33.42 12.25
C MET B 362 -6.43 -32.34 12.87
N THR B 363 -6.98 -31.47 12.03
CA THR B 363 -7.95 -30.46 12.43
C THR B 363 -9.19 -31.14 13.02
N LYS B 364 -9.86 -31.95 12.19
CA LYS B 364 -11.11 -32.57 12.57
C LYS B 364 -10.95 -33.51 13.78
N HIS B 365 -9.90 -34.34 13.76
CA HIS B 365 -9.75 -35.43 14.75
C HIS B 365 -8.90 -35.09 15.96
N LYS B 366 -7.95 -34.15 15.83
CA LYS B 366 -7.09 -33.79 16.97
C LYS B 366 -7.28 -32.35 17.47
N LYS B 367 -8.10 -31.58 16.77
CA LYS B 367 -8.41 -30.18 17.13
C LYS B 367 -7.18 -29.26 17.07
N LEU B 368 -6.25 -29.62 16.19
CA LEU B 368 -5.01 -28.88 16.02
C LEU B 368 -4.76 -28.62 14.54
N THR B 369 -4.55 -27.37 14.19
CA THR B 369 -4.32 -27.01 12.79
C THR B 369 -2.85 -26.66 12.47
N ALA B 370 -2.46 -26.87 11.20
CA ALA B 370 -1.11 -26.52 10.68
C ALA B 370 -1.14 -26.30 9.16
N ILE B 371 0.03 -26.01 8.56
CA ILE B 371 0.11 -25.69 7.14
C ILE B 371 0.90 -26.76 6.36
N PRO B 372 0.27 -27.35 5.33
CA PRO B 372 0.95 -28.34 4.47
C PRO B 372 2.07 -27.66 3.68
N VAL B 373 3.28 -28.25 3.72
CA VAL B 373 4.47 -27.65 3.07
C VAL B 373 4.31 -27.57 1.53
N SER B 374 3.55 -28.49 0.94
CA SER B 374 3.27 -28.46 -0.51
C SER B 374 2.67 -27.13 -1.00
N ALA B 375 2.02 -26.39 -0.12
CA ALA B 375 1.53 -25.04 -0.45
C ALA B 375 2.66 -24.05 -0.85
N PHE B 376 3.88 -24.34 -0.41
CA PHE B 376 5.07 -23.55 -0.71
C PHE B 376 5.93 -24.13 -1.85
N CYS B 377 5.33 -25.03 -2.64
CA CYS B 377 6.05 -25.77 -3.70
C CYS B 377 5.35 -25.67 -5.06
N ASP B 378 6.15 -25.47 -6.09
CA ASP B 378 5.66 -25.51 -7.47
C ASP B 378 5.22 -26.94 -7.71
N SER B 379 4.46 -27.10 -8.78
CA SER B 379 3.79 -28.34 -9.05
C SER B 379 4.72 -29.60 -9.11
N LYS B 380 5.83 -29.49 -9.84
CA LYS B 380 6.78 -30.59 -9.97
C LYS B 380 7.49 -30.96 -8.67
N SER B 381 7.69 -29.99 -7.77
CA SER B 381 8.34 -30.26 -6.47
C SER B 381 7.44 -30.88 -5.38
N LYS B 382 6.13 -30.66 -5.44
CA LYS B 382 5.18 -31.11 -4.38
C LYS B 382 5.38 -32.58 -3.94
N PRO B 383 5.56 -33.56 -4.88
CA PRO B 383 5.79 -34.92 -4.37
C PRO B 383 6.98 -35.07 -3.44
N HIS B 384 7.94 -34.15 -3.49
CA HIS B 384 9.16 -34.25 -2.67
C HIS B 384 9.06 -33.67 -1.27
N PHE B 385 7.97 -32.95 -1.03
CA PHE B 385 7.78 -32.23 0.22
C PHE B 385 6.43 -32.47 0.89
N GLU B 386 5.57 -33.28 0.25
CA GLU B 386 4.14 -33.45 0.60
C GLU B 386 3.85 -34.29 1.87
N LYS B 387 4.91 -34.77 2.53
CA LYS B 387 4.77 -35.46 3.85
C LYS B 387 5.23 -34.54 4.98
N LEU B 388 5.42 -33.26 4.66
CA LEU B 388 5.89 -32.25 5.61
C LEU B 388 4.81 -31.23 5.92
N VAL B 389 4.77 -30.81 7.18
CA VAL B 389 3.70 -29.97 7.72
C VAL B 389 4.38 -28.94 8.61
N ARG B 390 3.92 -27.68 8.53
CA ARG B 390 4.58 -26.58 9.24
C ARG B 390 3.75 -26.07 10.42
N PHE B 391 4.40 -25.85 11.56
CA PHE B 391 3.77 -25.37 12.79
C PHE B 391 4.37 -24.03 13.24
N CYS B 392 3.51 -23.11 13.66
CA CYS B 392 3.95 -21.80 14.18
C CYS B 392 4.04 -21.81 15.73
N PHE B 393 5.18 -21.36 16.28
CA PHE B 393 5.36 -21.30 17.72
C PHE B 393 5.55 -19.89 18.31
N ILE B 394 5.25 -18.84 17.55
CA ILE B 394 5.24 -17.49 18.16
C ILE B 394 3.89 -17.32 18.90
N LYS B 395 3.75 -18.13 19.94
CA LYS B 395 2.52 -18.30 20.70
C LYS B 395 2.76 -18.12 22.20
N LYS B 396 1.73 -17.68 22.90
CA LYS B 396 1.84 -17.52 24.36
C LYS B 396 1.89 -18.88 25.04
N ASP B 397 2.50 -18.92 26.23
CA ASP B 397 2.57 -20.13 27.07
C ASP B 397 1.23 -20.88 27.16
N SER B 398 0.14 -20.15 27.41
CA SER B 398 -1.19 -20.76 27.48
C SER B 398 -1.60 -21.44 26.18
N THR B 399 -1.19 -20.89 25.04
CA THR B 399 -1.55 -21.50 23.74
C THR B 399 -0.79 -22.82 23.56
N LEU B 400 0.50 -22.79 23.86
CA LEU B 400 1.34 -23.97 23.79
C LEU B 400 0.96 -25.08 24.82
N ASP B 401 0.45 -24.68 26.00
CA ASP B 401 -0.15 -25.62 26.97
C ASP B 401 -1.36 -26.31 26.38
N ALA B 402 -2.24 -25.55 25.71
CA ALA B 402 -3.40 -26.15 25.04
C ALA B 402 -2.96 -27.16 24.01
N ALA B 403 -1.85 -26.84 23.33
CA ALA B 403 -1.19 -27.75 22.38
C ALA B 403 -0.61 -29.00 23.09
N GLU B 404 0.11 -28.82 24.21
CA GLU B 404 0.53 -29.94 25.09
C GLU B 404 -0.62 -30.90 25.35
N GLU B 405 -1.74 -30.35 25.84
CA GLU B 405 -2.94 -31.14 26.15
C GLU B 405 -3.33 -32.02 24.98
N ILE B 406 -3.32 -31.44 23.78
CA ILE B 406 -3.69 -32.17 22.56
C ILE B 406 -2.71 -33.31 22.23
N PHE B 407 -1.43 -33.04 22.44
CA PHE B 407 -0.36 -34.00 22.15
C PHE B 407 -0.36 -35.16 23.16
N ARG B 408 -0.32 -34.80 24.45
CA ARG B 408 -0.48 -35.74 25.56
C ARG B 408 -1.64 -36.70 25.35
N ALA B 409 -2.74 -36.18 24.82
CA ALA B 409 -3.99 -36.92 24.60
C ALA B 409 -4.14 -37.59 23.21
N TRP B 410 -3.06 -37.62 22.43
CA TRP B 410 -3.12 -37.97 21.00
C TRP B 410 -3.43 -39.43 20.79
N ASN B 411 -2.87 -40.27 21.68
CA ASN B 411 -2.94 -41.72 21.56
C ASN B 411 -3.78 -42.45 22.63
N1 PMP C . -8.20 10.98 -5.67
C2 PMP C . -8.30 12.34 -5.69
C2A PMP C . -9.26 13.07 -6.62
C3 PMP C . -7.45 13.12 -4.76
O3 PMP C . -7.53 14.47 -4.73
C4 PMP C . -6.53 12.39 -3.85
C4A PMP C . -5.59 13.12 -2.89
N4A PMP C . -6.31 13.76 -1.81
C5 PMP C . -6.54 10.89 -3.95
C6 PMP C . -7.38 10.28 -4.87
C5A PMP C . -5.63 10.05 -3.08
O4P PMP C . -6.37 9.50 -1.99
P PMP C . -5.70 8.64 -0.79
O1P PMP C . -4.97 9.70 0.01
O2P PMP C . -4.77 7.60 -1.40
O3P PMP C . -6.90 8.07 -0.06
N1 EPE D . -0.88 14.39 -1.89
C2 EPE D . 0.04 14.26 -3.06
C3 EPE D . 0.97 13.06 -2.86
N4 EPE D . 1.72 13.22 -1.59
C5 EPE D . 0.76 13.35 -0.44
C6 EPE D . -0.08 14.59 -0.65
C7 EPE D . 2.60 12.03 -1.49
C8 EPE D . 3.59 12.21 -0.33
O8 EPE D . 3.01 11.77 0.91
C9 EPE D . -1.80 15.54 -2.04
C10 EPE D . -2.48 15.61 -3.41
S EPE D . -3.62 16.84 -3.36
O1S EPE D . -4.34 16.87 -4.67
O2S EPE D . -2.90 18.10 -3.00
O3S EPE D . -4.66 16.53 -2.37
C1 PGE E . -9.50 24.12 -22.72
O1 PGE E . -10.39 24.31 -21.58
C2 PGE E . -9.57 25.17 -23.87
O2 PGE E . -9.41 26.52 -23.36
C3 PGE E . -8.73 27.45 -24.22
C4 PGE E . -8.33 28.71 -23.41
O4 PGE E . -4.24 29.12 -26.03
C6 PGE E . -4.89 29.62 -24.84
C5 PGE E . -6.20 28.86 -24.67
O3 PGE E . -6.96 29.22 -23.51
C1 GOL F . -12.29 13.52 -14.14
O1 GOL F . -13.70 13.79 -13.96
C2 GOL F . -11.14 14.52 -13.74
O2 GOL F . -10.26 14.42 -14.81
C3 GOL F . -10.16 14.11 -12.58
O3 GOL F . -9.60 15.07 -11.64
C1 GOL G . -23.36 22.01 -18.05
O1 GOL G . -24.21 22.68 -19.03
C2 GOL G . -24.09 21.77 -16.73
O2 GOL G . -23.23 22.21 -15.62
C3 GOL G . -24.41 20.27 -16.75
O3 GOL G . -25.80 19.84 -16.88
CA CA H . -26.59 -8.77 -1.84
CA CA I . -16.75 -1.74 -27.04
CA CA J . 14.60 5.00 -18.28
N1 PMP K . 8.20 -12.74 3.53
C2 PMP K . 8.18 -13.88 4.25
C2A PMP K . 9.31 -14.89 4.05
C3 PMP K . 7.06 -14.10 5.22
O3 PMP K . 7.03 -15.23 5.96
C4 PMP K . 5.99 -13.04 5.34
C4A PMP K . 4.76 -13.17 6.23
N4A PMP K . 5.08 -13.67 7.54
C5 PMP K . 6.16 -11.84 4.45
C6 PMP K . 7.29 -11.78 3.61
C5A PMP K . 5.20 -10.69 4.42
O4P PMP K . 5.63 -9.68 5.33
P PMP K . 4.68 -8.38 5.65
O1P PMP K . 5.68 -7.43 6.25
O2P PMP K . 3.65 -8.89 6.61
O3P PMP K . 4.05 -7.93 4.32
N1 EPE L . -0.16 -14.35 6.19
C2 EPE L . -0.70 -14.93 4.93
C3 EPE L . -1.58 -13.94 4.15
N4 EPE L . -2.60 -13.35 5.06
C5 EPE L . -1.96 -12.71 6.25
C6 EPE L . -1.24 -13.80 7.05
C7 EPE L . -3.44 -12.44 4.25
C8 EPE L . -4.70 -12.04 5.01
O8 EPE L . -4.35 -10.97 5.92
C9 EPE L . 0.56 -15.38 6.97
C10 EPE L . 1.72 -16.03 6.18
S EPE L . 2.70 -16.97 7.17
O1S EPE L . 3.71 -17.67 6.32
O2S EPE L . 3.37 -16.05 8.13
O3S EPE L . 1.84 -17.96 7.85
O1 PG4 M . 9.79 -38.80 -4.52
C1 PG4 M . 9.79 -39.37 -3.20
C2 PG4 M . 9.87 -38.24 -2.19
O2 PG4 M . 11.20 -38.08 -1.71
C3 PG4 M . 12.03 -37.25 -2.53
C4 PG4 M . 13.34 -36.78 -1.87
O3 PG4 M . 14.10 -35.88 -2.71
C5 PG4 M . 13.46 -34.61 -2.87
C6 PG4 M . 14.27 -33.48 -3.52
O4 PG4 M . 14.07 -32.24 -2.78
C7 PG4 M . 14.81 -32.04 -1.56
C8 PG4 M . 14.52 -32.98 -0.35
O5 PG4 M . 15.58 -33.88 0.11
C1 GOL N . 33.44 -10.98 -5.93
O1 GOL N . 33.51 -10.43 -7.25
C2 GOL N . 32.55 -12.20 -6.04
O2 GOL N . 33.29 -13.26 -5.44
C3 GOL N . 31.24 -12.00 -5.28
O3 GOL N . 31.41 -11.89 -3.86
C1 GOL O . 20.05 -9.02 11.96
O1 GOL O . 20.31 -8.24 10.76
C2 GOL O . 21.18 -9.14 13.01
O2 GOL O . 22.41 -8.74 12.41
C3 GOL O . 21.44 -10.56 13.56
O3 GOL O . 20.37 -11.43 14.05
CA CA P . 23.65 -11.64 -17.67
#